data_6KSV
#
_entry.id   6KSV
#
_cell.length_a   48.370
_cell.length_b   152.060
_cell.length_c   64.540
_cell.angle_alpha   90.000
_cell.angle_beta   113.080
_cell.angle_gamma   90.000
#
_symmetry.space_group_name_H-M   'P 1 21 1'
#
loop_
_entity.id
_entity.type
_entity.pdbx_description
1 polymer 'Alpha/beta hydrolase'
2 non-polymer D-LEUCINE
3 non-polymer 'SULFATE ION'
4 non-polymer 'YTTRIUM (III) ION'
5 non-polymer 'S-(2-acetamidoethyl) (2R)-2-azanyl-4-methyl-pentanethioate'
6 water water
#
_entity_poly.entity_id   1
_entity_poly.type   'polypeptide(L)'
_entity_poly.pdbx_seq_one_letter_code
;MGSSHHHHHHSSGLVPRGSHMGAEGAERDAVGALFEELVREHRVTGAQLSVYRDGALSEYATGLASVRTGEPVTPRTGFP
FGSVTKFLTAELVMQFVCDGDLDLDDPLAGLLPDLGRAAGPPLGTATVRQLLSHTAGVVDSIEYDEMRGPSYRRFAAACA
RQPALFPPGLAFSYSNTGYCLLGAVIEAASGMDWWTAMDSCLLRPLGIEPAFLHDPRPGQGGAARPVAEGHALRAGGERA
EHVDHMASLSLAAAGGLVGSATDLVTAARPHLADRKTFAQHDLLPEDAVLAMRTCVPDAEPFGLADGWGLGLMRHGTGDG
AWYGHDGAVGGASCNLRIHPDRSLALALTANSTAGPKLWEALVARLPEAGLDVGHYALPVPDSAPLAPDAGHLGTYANGD
LELMVTHDAAGDLFLTRESYSDYRLSLHEDDLFVARSGEPGALPITGRFVREHPAGPVALLQYGGRAMHRL
;
_entity_poly.pdbx_strand_id   A,B
#
loop_
_chem_comp.id
_chem_comp.type
_chem_comp.name
_chem_comp.formula
E7L non-polymer 'S-(2-acetamidoethyl) (2R)-2-azanyl-4-methyl-pentanethioate' 'C10 H20 N2 O2 S'
SO4 non-polymer 'SULFATE ION' 'O4 S -2'
YT3 non-polymer 'YTTRIUM (III) ION' 'Y 3'
#
# COMPACT_ATOMS: atom_id res chain seq x y z
N GLU A 24 -22.00 -6.15 -0.56
CA GLU A 24 -21.06 -5.66 0.45
C GLU A 24 -20.64 -4.25 0.11
N GLY A 25 -20.87 -3.86 -1.16
CA GLY A 25 -20.48 -2.53 -1.63
C GLY A 25 -21.16 -1.41 -0.88
N ALA A 26 -22.35 -1.65 -0.33
CA ALA A 26 -23.05 -0.65 0.47
C ALA A 26 -22.61 -0.63 1.92
N GLU A 27 -22.12 -1.75 2.44
CA GLU A 27 -21.51 -1.74 3.76
C GLU A 27 -20.25 -0.89 3.76
N ARG A 28 -19.38 -1.11 2.78
CA ARG A 28 -18.16 -0.32 2.72
C ARG A 28 -18.46 1.16 2.51
N ASP A 29 -19.55 1.48 1.82
CA ASP A 29 -19.99 2.87 1.71
C ASP A 29 -20.43 3.41 3.06
N ALA A 30 -21.26 2.64 3.78
CA ALA A 30 -21.69 3.04 5.11
C ALA A 30 -20.52 3.44 6.00
N VAL A 31 -19.48 2.58 6.04
CA VAL A 31 -18.33 2.83 6.90
C VAL A 31 -17.67 4.17 6.56
N GLY A 32 -17.45 4.44 5.27
CA GLY A 32 -16.84 5.70 4.88
C GLY A 32 -17.70 6.90 5.26
N ALA A 33 -19.01 6.79 5.06
CA ALA A 33 -19.91 7.85 5.49
C ALA A 33 -19.81 8.08 6.99
N LEU A 34 -19.79 6.99 7.77
CA LEU A 34 -19.68 7.11 9.22
C LEU A 34 -18.29 7.59 9.64
N PHE A 35 -17.24 7.05 9.03
CA PHE A 35 -15.88 7.45 9.36
C PHE A 35 -15.73 8.96 9.14
N GLU A 36 -15.99 9.43 7.92
CA GLU A 36 -15.79 10.83 7.60
C GLU A 36 -16.62 11.73 8.50
N GLU A 37 -17.84 11.30 8.81
CA GLU A 37 -18.67 12.16 9.64
C GLU A 37 -18.16 12.23 11.07
N LEU A 38 -17.57 11.14 11.59
CA LEU A 38 -17.02 11.17 12.95
C LEU A 38 -15.70 11.94 13.05
N VAL A 39 -14.89 11.96 12.00
CA VAL A 39 -13.68 12.79 12.07
C VAL A 39 -14.02 14.27 12.12
N ARG A 40 -15.12 14.70 11.48
CA ARG A 40 -15.50 16.12 11.58
C ARG A 40 -15.97 16.41 12.99
N GLU A 41 -16.95 15.65 13.45
CA GLU A 41 -17.57 15.84 14.75
C GLU A 41 -16.60 15.66 15.94
N HIS A 42 -15.45 15.02 15.76
CA HIS A 42 -14.42 15.08 16.79
C HIS A 42 -13.24 15.93 16.36
N ARG A 43 -13.37 16.66 15.25
CA ARG A 43 -12.39 17.63 14.79
C ARG A 43 -11.00 16.99 14.81
N VAL A 44 -10.89 15.96 13.99
CA VAL A 44 -9.65 15.21 13.84
C VAL A 44 -8.88 15.82 12.69
N THR A 45 -7.60 16.16 12.94
CA THR A 45 -6.76 16.71 11.88
C THR A 45 -6.67 15.74 10.71
N GLY A 46 -6.21 14.52 10.97
CA GLY A 46 -6.09 13.51 9.93
C GLY A 46 -6.33 12.13 10.51
N ALA A 47 -6.85 11.24 9.68
CA ALA A 47 -7.08 9.89 10.15
C ALA A 47 -7.04 8.92 8.99
N GLN A 48 -6.65 7.68 9.29
CA GLN A 48 -6.86 6.54 8.39
C GLN A 48 -7.71 5.49 9.08
N LEU A 49 -8.60 4.87 8.32
CA LEU A 49 -9.29 3.66 8.74
C LEU A 49 -9.18 2.64 7.62
N SER A 50 -8.70 1.45 7.94
CA SER A 50 -8.61 0.32 7.02
C SER A 50 -9.42 -0.86 7.56
N VAL A 51 -10.16 -1.52 6.70
CA VAL A 51 -11.01 -2.65 7.07
C VAL A 51 -10.75 -3.78 6.08
N TYR A 52 -10.44 -4.97 6.59
CA TYR A 52 -10.38 -6.17 5.76
C TYR A 52 -11.55 -7.06 6.13
N ARG A 53 -12.39 -7.36 5.15
CA ARG A 53 -13.66 -8.02 5.40
C ARG A 53 -14.13 -8.66 4.10
N ASP A 54 -14.72 -9.85 4.20
CA ASP A 54 -15.22 -10.59 3.04
C ASP A 54 -14.14 -10.74 1.96
N GLY A 55 -12.91 -11.03 2.41
CA GLY A 55 -11.75 -11.23 1.53
C GLY A 55 -11.23 -10.03 0.76
N ALA A 56 -11.60 -8.80 1.11
CA ALA A 56 -11.05 -7.66 0.39
C ALA A 56 -10.90 -6.43 1.28
N LEU A 57 -10.03 -5.51 0.83
CA LEU A 57 -9.55 -4.42 1.66
C LEU A 57 -10.28 -3.13 1.32
N SER A 58 -10.69 -2.39 2.37
CA SER A 58 -11.20 -1.03 2.28
C SER A 58 -10.25 -0.09 3.01
N GLU A 59 -9.85 0.99 2.35
CA GLU A 59 -8.90 1.96 2.91
C GLU A 59 -9.52 3.34 2.85
N TYR A 60 -9.81 3.92 4.00
CA TYR A 60 -10.34 5.28 4.09
C TYR A 60 -9.29 6.18 4.70
N ALA A 61 -8.95 7.26 4.01
CA ALA A 61 -7.98 8.22 4.52
C ALA A 61 -8.54 9.61 4.31
N THR A 62 -8.43 10.46 5.35
CA THR A 62 -9.03 11.79 5.27
C THR A 62 -8.20 12.80 6.06
N GLY A 63 -8.35 14.07 5.69
CA GLY A 63 -7.76 15.13 6.46
C GLY A 63 -6.33 15.41 6.06
N LEU A 64 -5.58 16.02 6.98
CA LEU A 64 -4.22 16.48 6.71
C LEU A 64 -3.18 15.73 7.53
N ALA A 65 -2.04 15.41 6.90
CA ALA A 65 -0.91 14.89 7.65
C ALA A 65 -0.30 15.96 8.54
N SER A 66 -0.27 17.21 8.06
CA SER A 66 0.16 18.33 8.89
C SER A 66 -0.63 19.57 8.52
N VAL A 67 -1.27 20.19 9.52
CA VAL A 67 -1.80 21.54 9.35
C VAL A 67 -0.67 22.47 8.92
N ARG A 68 0.49 22.33 9.57
CA ARG A 68 1.65 23.18 9.29
C ARG A 68 1.98 23.27 7.81
N THR A 69 1.71 22.23 7.02
CA THR A 69 2.18 22.17 5.65
C THR A 69 1.10 21.93 4.61
N GLY A 70 -0.10 21.49 5.00
CA GLY A 70 -1.18 21.32 4.06
C GLY A 70 -1.17 20.02 3.27
N GLU A 71 -0.31 19.07 3.62
CA GLU A 71 -0.22 17.84 2.85
C GLU A 71 -1.33 16.87 3.29
N PRO A 72 -2.07 16.28 2.35
CA PRO A 72 -3.21 15.46 2.74
C PRO A 72 -2.82 14.08 3.24
N VAL A 73 -3.68 13.51 4.08
CA VAL A 73 -3.50 12.13 4.47
C VAL A 73 -3.84 11.26 3.28
N THR A 74 -3.02 10.24 3.06
CA THR A 74 -3.28 9.19 2.10
C THR A 74 -3.11 7.88 2.85
N PRO A 75 -3.48 6.74 2.24
CA PRO A 75 -3.28 5.46 2.93
C PRO A 75 -1.81 5.08 3.11
N ARG A 76 -0.88 5.82 2.52
CA ARG A 76 0.54 5.53 2.72
C ARG A 76 1.13 6.30 3.90
N THR A 77 0.48 7.39 4.31
CA THR A 77 0.95 8.20 5.44
C THR A 77 1.24 7.36 6.67
N GLY A 78 2.38 7.66 7.32
CA GLY A 78 2.75 7.00 8.56
C GLY A 78 2.18 7.71 9.77
N PHE A 79 1.50 6.96 10.61
CA PHE A 79 1.02 7.44 11.89
C PHE A 79 1.75 6.71 13.01
N PRO A 80 2.04 7.37 14.12
CA PRO A 80 2.62 6.63 15.25
C PRO A 80 1.69 5.52 15.68
N PHE A 81 2.25 4.32 15.84
CA PHE A 81 1.51 3.21 16.42
C PHE A 81 1.44 3.31 17.94
N GLY A 82 2.44 3.93 18.56
CA GLY A 82 2.54 3.87 20.01
C GLY A 82 2.58 2.43 20.48
N SER A 83 1.86 2.15 21.58
CA SER A 83 1.89 0.81 22.14
C SER A 83 1.36 -0.27 21.20
N VAL A 84 0.76 0.08 20.05
CA VAL A 84 0.38 -0.95 19.09
C VAL A 84 1.61 -1.61 18.47
N THR A 85 2.78 -0.97 18.55
CA THR A 85 4.04 -1.61 18.23
C THR A 85 4.14 -3.01 18.85
N LYS A 86 3.64 -3.16 20.09
CA LYS A 86 3.73 -4.43 20.82
C LYS A 86 3.18 -5.61 20.03
N PHE A 87 2.05 -5.43 19.35
CA PHE A 87 1.52 -6.49 18.50
C PHE A 87 2.53 -6.89 17.43
N LEU A 88 3.27 -5.93 16.91
CA LEU A 88 4.29 -6.28 15.92
C LEU A 88 5.52 -6.88 16.58
N THR A 89 6.00 -6.28 17.66
CA THR A 89 7.12 -6.88 18.38
C THR A 89 6.79 -8.30 18.80
N ALA A 90 5.54 -8.52 19.21
CA ALA A 90 5.10 -9.87 19.56
C ALA A 90 5.18 -10.82 18.36
N GLU A 91 4.66 -10.40 17.20
CA GLU A 91 4.74 -11.24 16.00
C GLU A 91 6.18 -11.57 15.64
N LEU A 92 7.05 -10.58 15.68
CA LEU A 92 8.46 -10.82 15.39
C LEU A 92 9.07 -11.82 16.37
N VAL A 93 8.73 -11.72 17.66
CA VAL A 93 9.24 -12.67 18.67
C VAL A 93 8.72 -14.07 18.40
N MET A 94 7.44 -14.18 17.99
CA MET A 94 6.86 -15.48 17.67
C MET A 94 7.57 -16.12 16.49
N GLN A 95 7.99 -15.32 15.51
CA GLN A 95 8.73 -15.86 14.38
C GLN A 95 9.94 -16.65 14.83
N PHE A 96 10.68 -16.11 15.80
CA PHE A 96 11.88 -16.81 16.30
C PHE A 96 11.51 -18.03 17.13
N VAL A 97 10.37 -18.00 17.81
CA VAL A 97 9.91 -19.21 18.51
C VAL A 97 9.62 -20.30 17.51
N CYS A 98 9.06 -19.93 16.35
CA CYS A 98 8.74 -20.92 15.32
C CYS A 98 9.98 -21.36 14.55
N ASP A 99 10.96 -20.48 14.36
CA ASP A 99 12.22 -20.86 13.76
C ASP A 99 13.19 -21.48 14.75
N GLY A 100 12.71 -21.99 15.87
CA GLY A 100 13.55 -22.68 16.83
C GLY A 100 14.59 -21.85 17.55
N ASP A 101 14.76 -20.60 17.12
CA ASP A 101 15.79 -19.69 17.62
C ASP A 101 15.52 -19.17 19.03
N LEU A 102 14.33 -19.42 19.58
CA LEU A 102 13.96 -18.83 20.87
C LEU A 102 12.87 -19.66 21.51
N ASP A 103 12.99 -19.94 22.80
CA ASP A 103 11.95 -20.71 23.47
C ASP A 103 11.03 -19.80 24.26
N LEU A 104 9.75 -20.15 24.25
CA LEU A 104 8.69 -19.35 24.84
C LEU A 104 8.61 -19.50 26.36
N ASP A 105 8.95 -20.68 26.89
CA ASP A 105 8.62 -21.03 28.27
C ASP A 105 9.82 -21.41 29.11
N ASP A 106 10.96 -20.76 28.92
CA ASP A 106 12.09 -21.14 29.75
C ASP A 106 12.96 -19.93 30.06
N PRO A 107 13.59 -19.91 31.24
CA PRO A 107 13.97 -18.64 31.89
C PRO A 107 14.81 -17.70 31.04
N LEU A 108 14.57 -16.40 31.28
CA LEU A 108 15.33 -15.34 30.63
C LEU A 108 16.82 -15.43 30.95
N ALA A 109 17.16 -15.91 32.15
CA ALA A 109 18.53 -15.89 32.60
C ALA A 109 19.46 -16.61 31.64
N GLY A 110 18.93 -17.56 30.85
CA GLY A 110 19.72 -18.20 29.83
C GLY A 110 20.02 -17.32 28.63
N LEU A 111 19.24 -16.27 28.43
CA LEU A 111 19.35 -15.45 27.23
C LEU A 111 19.98 -14.08 27.46
N LEU A 112 20.18 -13.66 28.72
CA LEU A 112 20.67 -12.32 28.98
C LEU A 112 21.56 -12.32 30.21
N PRO A 113 22.60 -11.45 30.25
CA PRO A 113 23.58 -11.43 31.36
C PRO A 113 22.95 -11.10 32.71
N PRO A 122 16.11 -13.11 40.19
CA PRO A 122 14.82 -12.40 40.14
C PRO A 122 14.22 -12.39 38.72
N LEU A 123 14.68 -11.44 37.91
CA LEU A 123 14.21 -11.35 36.52
C LEU A 123 14.55 -12.63 35.75
N GLY A 124 15.68 -13.25 36.05
CA GLY A 124 16.10 -14.44 35.35
C GLY A 124 15.16 -15.63 35.46
N THR A 125 14.09 -15.51 36.24
CA THR A 125 13.11 -16.58 36.32
C THR A 125 11.88 -16.29 35.46
N ALA A 126 11.83 -15.13 34.82
CA ALA A 126 10.72 -14.79 33.93
C ALA A 126 10.96 -15.36 32.54
N THR A 127 9.87 -15.74 31.89
CA THR A 127 9.96 -16.31 30.56
C THR A 127 9.52 -15.31 29.51
N VAL A 128 9.91 -15.60 28.26
CA VAL A 128 9.47 -14.82 27.11
C VAL A 128 7.95 -14.78 27.06
N ARG A 129 7.31 -15.90 27.38
CA ARG A 129 5.85 -15.93 27.39
C ARG A 129 5.27 -14.95 28.41
N GLN A 130 5.95 -14.78 29.54
CA GLN A 130 5.45 -13.89 30.57
C GLN A 130 5.60 -12.43 30.15
N LEU A 131 6.74 -12.07 29.55
CA LEU A 131 6.90 -10.71 29.07
C LEU A 131 5.87 -10.37 27.99
N LEU A 132 5.48 -11.33 27.16
CA LEU A 132 4.55 -11.03 26.10
C LEU A 132 3.15 -10.80 26.65
N SER A 133 2.81 -11.45 27.75
CA SER A 133 1.48 -11.33 28.33
C SER A 133 1.43 -10.33 29.49
N HIS A 134 2.51 -9.59 29.72
CA HIS A 134 2.63 -8.62 30.82
C HIS A 134 2.52 -9.27 32.19
N THR A 135 3.01 -10.50 32.34
CA THR A 135 2.93 -11.19 33.62
C THR A 135 4.32 -11.53 34.16
N ALA A 136 5.34 -10.81 33.76
CA ALA A 136 6.66 -11.11 34.27
C ALA A 136 6.93 -10.42 35.59
N GLY A 137 6.13 -9.43 35.93
CA GLY A 137 6.37 -8.64 37.12
C GLY A 137 7.31 -7.49 36.90
N VAL A 138 7.63 -7.15 35.65
CA VAL A 138 8.44 -5.98 35.37
C VAL A 138 7.62 -4.72 35.64
N VAL A 139 8.30 -3.68 36.12
CA VAL A 139 7.63 -2.40 36.25
C VAL A 139 7.33 -1.83 34.87
N ASP A 140 6.39 -0.87 34.84
CA ASP A 140 5.97 -0.29 33.59
C ASP A 140 7.09 0.50 32.93
N SER A 141 7.76 1.37 33.69
CA SER A 141 8.73 2.29 33.11
C SER A 141 9.95 2.38 33.99
N ILE A 142 11.09 1.94 33.47
CA ILE A 142 12.40 2.25 34.01
C ILE A 142 13.08 3.24 33.08
N GLU A 143 13.33 4.45 33.57
CA GLU A 143 14.01 5.45 32.76
C GLU A 143 15.33 4.91 32.27
N TYR A 144 15.61 5.17 30.98
CA TYR A 144 16.91 4.88 30.39
C TYR A 144 17.13 5.86 29.24
N ASP A 145 17.44 7.11 29.60
CA ASP A 145 17.81 8.09 28.60
C ASP A 145 19.16 7.78 27.96
N GLU A 146 19.99 6.97 28.61
CA GLU A 146 21.38 6.79 28.24
C GLU A 146 21.56 5.98 26.96
N MET A 147 20.53 5.28 26.49
CA MET A 147 20.65 4.52 25.26
C MET A 147 20.86 5.45 24.08
N ARG A 148 21.90 5.17 23.29
CA ARG A 148 22.25 6.04 22.18
C ARG A 148 22.27 5.34 20.83
N GLY A 149 22.29 4.01 20.80
CA GLY A 149 22.34 3.28 19.55
C GLY A 149 21.35 2.13 19.51
N PRO A 150 21.55 1.19 18.57
CA PRO A 150 20.53 0.16 18.33
C PRO A 150 20.58 -1.01 19.30
N SER A 151 21.69 -1.20 20.01
CA SER A 151 21.80 -2.32 20.93
C SER A 151 20.87 -2.14 22.12
N TYR A 152 20.27 -3.24 22.55
CA TYR A 152 19.47 -3.30 23.76
C TYR A 152 20.21 -4.02 24.89
N ARG A 153 21.53 -4.16 24.78
CA ARG A 153 22.32 -4.86 25.80
C ARG A 153 22.38 -4.06 27.11
N ARG A 154 22.83 -2.80 27.03
CA ARG A 154 22.98 -1.99 28.24
C ARG A 154 21.65 -1.73 28.92
N PHE A 155 20.56 -1.71 28.14
CA PHE A 155 19.24 -1.55 28.73
C PHE A 155 18.86 -2.75 29.59
N ALA A 156 19.15 -3.97 29.11
CA ALA A 156 18.84 -5.15 29.90
C ALA A 156 19.58 -5.15 31.23
N ALA A 157 20.74 -4.50 31.28
CA ALA A 157 21.48 -4.41 32.54
C ALA A 157 20.70 -3.62 33.58
N ALA A 158 20.27 -2.40 33.24
CA ALA A 158 19.54 -1.58 34.19
C ALA A 158 18.22 -2.21 34.61
N CYS A 159 17.63 -3.07 33.77
CA CYS A 159 16.43 -3.76 34.21
C CYS A 159 16.73 -4.72 35.33
N ALA A 160 17.86 -5.44 35.24
CA ALA A 160 18.26 -6.36 36.29
C ALA A 160 18.34 -5.64 37.63
N ARG A 161 18.85 -4.41 37.65
CA ARG A 161 19.01 -3.63 38.89
C ARG A 161 17.64 -3.25 39.57
N GLN A 162 16.49 -3.77 39.15
CA GLN A 162 15.21 -3.19 39.50
C GLN A 162 14.31 -4.18 40.22
N PRO A 163 13.51 -3.73 41.19
CA PRO A 163 12.65 -4.65 41.93
C PRO A 163 11.49 -5.18 41.08
N ALA A 164 11.11 -6.42 41.35
CA ALA A 164 9.96 -7.03 40.69
C ALA A 164 8.68 -6.68 41.42
N LEU A 165 7.64 -6.37 40.64
CA LEU A 165 6.33 -6.09 41.23
C LEU A 165 5.79 -7.28 42.00
N PHE A 166 6.19 -8.49 41.62
CA PHE A 166 5.68 -9.71 42.22
C PHE A 166 6.44 -10.88 41.60
N PRO A 167 6.25 -12.11 42.07
CA PRO A 167 6.85 -13.26 41.40
C PRO A 167 6.25 -13.45 40.02
N PRO A 168 7.09 -13.78 39.02
CA PRO A 168 6.59 -13.88 37.63
C PRO A 168 5.47 -14.91 37.49
N GLY A 169 4.35 -14.47 36.92
CA GLY A 169 3.15 -15.26 36.82
C GLY A 169 2.04 -14.87 37.80
N LEU A 170 2.35 -14.13 38.87
CA LEU A 170 1.34 -13.90 39.90
C LEU A 170 0.13 -13.17 39.36
N ALA A 171 0.36 -12.08 38.62
CA ALA A 171 -0.75 -11.32 38.07
C ALA A 171 -0.30 -10.57 36.82
N PHE A 172 -1.24 -9.83 36.25
CA PHE A 172 -1.00 -8.97 35.11
C PHE A 172 -0.63 -7.55 35.56
N SER A 173 0.33 -6.95 34.87
CA SER A 173 0.68 -5.55 35.09
C SER A 173 1.34 -5.02 33.83
N TYR A 174 0.60 -4.21 33.07
CA TYR A 174 1.09 -3.71 31.78
C TYR A 174 2.48 -3.09 31.93
N SER A 175 3.35 -3.38 30.97
CA SER A 175 4.75 -3.00 31.10
C SER A 175 5.35 -2.68 29.73
N ASN A 176 5.61 -1.39 29.49
CA ASN A 176 6.46 -1.00 28.37
C ASN A 176 7.84 -1.59 28.50
N THR A 177 8.37 -1.59 29.72
CA THR A 177 9.74 -2.05 29.92
C THR A 177 9.88 -3.54 29.61
N GLY A 178 8.83 -4.33 29.86
CA GLY A 178 8.86 -5.73 29.51
C GLY A 178 9.06 -5.96 28.02
N TYR A 179 8.47 -5.10 27.19
CA TYR A 179 8.64 -5.24 25.75
C TYR A 179 9.94 -4.63 25.25
N CYS A 180 10.53 -3.69 25.97
CA CYS A 180 11.91 -3.34 25.63
C CYS A 180 12.85 -4.48 25.99
N LEU A 181 12.51 -5.26 27.02
CA LEU A 181 13.31 -6.44 27.31
C LEU A 181 13.25 -7.45 26.16
N LEU A 182 12.14 -7.48 25.42
CA LEU A 182 12.03 -8.41 24.31
C LEU A 182 12.84 -7.94 23.12
N GLY A 183 13.00 -6.63 22.97
CA GLY A 183 13.93 -6.13 21.98
C GLY A 183 15.32 -6.67 22.21
N ALA A 184 15.71 -6.79 23.49
CA ALA A 184 17.02 -7.35 23.85
C ALA A 184 17.06 -8.85 23.72
N VAL A 185 15.93 -9.53 23.87
CA VAL A 185 15.86 -10.96 23.65
C VAL A 185 15.96 -11.26 22.16
N ILE A 186 15.19 -10.54 21.34
CA ILE A 186 15.26 -10.65 19.88
C ILE A 186 16.69 -10.41 19.41
N GLU A 187 17.31 -9.35 19.90
CA GLU A 187 18.69 -9.07 19.49
C GLU A 187 19.62 -10.20 19.91
N ALA A 188 19.41 -10.75 21.11
CA ALA A 188 20.23 -11.88 21.53
C ALA A 188 19.85 -13.16 20.79
N ALA A 189 18.57 -13.34 20.45
CA ALA A 189 18.11 -14.56 19.79
C ALA A 189 18.65 -14.65 18.37
N SER A 190 18.23 -13.74 17.51
CA SER A 190 18.95 -13.54 16.26
C SER A 190 20.27 -12.87 16.59
N GLY A 191 20.93 -12.28 15.60
CA GLY A 191 22.07 -11.44 15.88
C GLY A 191 21.83 -9.98 15.56
N MET A 192 20.61 -9.59 15.23
CA MET A 192 20.32 -8.24 14.76
C MET A 192 19.68 -7.42 15.87
N ASP A 193 20.01 -6.15 15.94
CA ASP A 193 19.27 -5.21 16.75
C ASP A 193 17.78 -5.28 16.41
N TRP A 194 16.93 -4.75 17.27
CA TRP A 194 15.49 -4.93 17.11
C TRP A 194 14.97 -4.29 15.83
N TRP A 195 15.47 -3.09 15.52
CA TRP A 195 15.06 -2.39 14.31
C TRP A 195 15.31 -3.24 13.07
N THR A 196 16.54 -3.69 12.89
CA THR A 196 16.91 -4.47 11.73
C THR A 196 16.16 -5.80 11.68
N ALA A 197 15.87 -6.41 12.82
CA ALA A 197 15.06 -7.61 12.79
C ALA A 197 13.61 -7.29 12.44
N MET A 198 13.05 -6.22 13.04
CA MET A 198 11.70 -5.79 12.69
C MET A 198 11.56 -5.59 11.17
N ASP A 199 12.42 -4.75 10.59
CA ASP A 199 12.42 -4.49 9.15
C ASP A 199 12.56 -5.78 8.35
N SER A 200 13.63 -6.54 8.58
CA SER A 200 14.01 -7.57 7.64
C SER A 200 13.26 -8.89 7.81
N CYS A 201 12.74 -9.19 9.01
CA CYS A 201 12.04 -10.46 9.23
C CYS A 201 10.52 -10.34 9.17
N LEU A 202 9.97 -9.14 9.27
CA LEU A 202 8.52 -9.09 9.42
C LEU A 202 7.96 -7.99 8.56
N LEU A 203 8.61 -6.83 8.58
CA LEU A 203 7.99 -5.66 7.96
C LEU A 203 8.12 -5.74 6.45
N ARG A 204 9.33 -5.95 5.95
CA ARG A 204 9.52 -5.96 4.51
C ARG A 204 8.86 -7.20 3.88
N PRO A 205 8.94 -8.40 4.47
CA PRO A 205 8.19 -9.53 3.88
C PRO A 205 6.70 -9.28 3.73
N LEU A 206 6.13 -8.38 4.53
CA LEU A 206 4.72 -7.99 4.47
C LEU A 206 4.47 -6.81 3.54
N GLY A 207 5.51 -6.25 2.92
CA GLY A 207 5.30 -5.08 2.10
C GLY A 207 4.94 -3.83 2.88
N ILE A 208 5.40 -3.72 4.13
CA ILE A 208 5.24 -2.51 4.94
C ILE A 208 6.49 -1.66 4.81
N GLU A 209 6.31 -0.38 4.53
CA GLU A 209 7.46 0.51 4.49
C GLU A 209 7.92 0.85 5.90
N PRO A 210 9.09 0.35 6.33
CA PRO A 210 9.55 0.60 7.70
C PRO A 210 9.63 2.09 8.04
N ALA A 211 9.26 2.43 9.27
CA ALA A 211 9.25 3.82 9.73
C ALA A 211 9.17 3.88 11.25
N PHE A 212 10.00 4.72 11.87
CA PHE A 212 10.11 4.73 13.32
C PHE A 212 10.04 6.15 13.84
N LEU A 213 9.66 6.27 15.12
CA LEU A 213 9.82 7.55 15.81
C LEU A 213 11.30 7.93 15.89
N HIS A 214 12.15 6.99 16.26
CA HIS A 214 13.58 7.23 16.29
C HIS A 214 14.29 6.00 15.74
N ASP A 215 15.14 6.22 14.75
CA ASP A 215 15.99 5.18 14.22
C ASP A 215 17.44 5.53 14.54
N PRO A 216 18.10 4.80 15.45
CA PRO A 216 19.52 5.07 15.71
C PRO A 216 20.46 4.54 14.64
N ARG A 217 19.95 3.84 13.63
CA ARG A 217 20.99 3.33 12.74
C ARG A 217 21.35 4.38 11.69
N PRO A 218 22.61 4.47 11.28
CA PRO A 218 22.94 5.34 10.14
C PRO A 218 22.00 5.12 8.98
N GLY A 219 21.67 3.86 8.71
CA GLY A 219 20.74 3.47 7.68
C GLY A 219 21.33 3.76 6.31
N GLN A 220 20.45 3.75 5.31
CA GLN A 220 20.83 4.14 3.97
C GLN A 220 19.90 5.27 3.52
N GLY A 221 19.77 5.48 2.22
CA GLY A 221 19.16 6.72 1.77
C GLY A 221 17.68 6.57 1.45
N GLY A 222 17.26 7.23 0.37
CA GLY A 222 15.91 7.08 -0.15
C GLY A 222 14.88 7.94 0.56
N ALA A 223 13.93 8.47 -0.21
CA ALA A 223 12.90 9.35 0.30
C ALA A 223 12.34 8.83 1.61
N ALA A 224 12.14 9.75 2.56
CA ALA A 224 11.49 9.41 3.82
C ALA A 224 10.00 9.22 3.59
N ARG A 225 9.43 8.21 4.24
CA ARG A 225 8.00 7.96 4.10
C ARG A 225 7.22 9.12 4.72
N PRO A 226 6.17 9.61 4.04
CA PRO A 226 5.35 10.68 4.63
C PRO A 226 4.69 10.23 5.91
N VAL A 227 4.73 11.10 6.92
CA VAL A 227 4.26 10.78 8.25
C VAL A 227 3.35 11.91 8.74
N ALA A 228 2.40 11.55 9.59
CA ALA A 228 1.50 12.53 10.18
C ALA A 228 2.05 12.98 11.51
N GLU A 229 2.10 14.31 11.72
CA GLU A 229 2.55 14.88 12.98
C GLU A 229 1.41 14.90 14.01
N GLY A 230 1.77 14.85 15.29
CA GLY A 230 0.76 14.83 16.32
C GLY A 230 1.19 15.53 17.60
N HIS A 231 1.28 16.85 17.55
CA HIS A 231 1.83 17.65 18.66
C HIS A 231 1.09 17.43 19.96
N HIS A 245 6.81 11.81 24.31
CA HIS A 245 6.02 10.67 24.77
C HIS A 245 6.89 9.41 24.84
N MET A 246 6.45 8.35 24.12
CA MET A 246 7.31 7.25 23.70
C MET A 246 8.26 7.67 22.57
N ALA A 247 8.32 8.99 22.35
CA ALA A 247 9.41 9.65 21.65
C ALA A 247 10.65 9.62 22.54
N SER A 248 11.39 8.52 22.49
CA SER A 248 12.49 8.25 23.42
C SER A 248 13.12 6.91 23.07
N LEU A 249 14.42 6.89 22.80
CA LEU A 249 15.02 5.80 22.03
C LEU A 249 14.80 4.43 22.69
N SER A 250 14.77 4.36 24.03
CA SER A 250 14.66 3.05 24.65
C SER A 250 13.26 2.44 24.54
N LEU A 251 12.25 3.24 24.22
CA LEU A 251 10.89 2.72 24.20
C LEU A 251 10.51 2.07 22.88
N ALA A 252 11.43 2.05 21.91
CA ALA A 252 11.14 1.65 20.52
C ALA A 252 10.40 0.31 20.44
N ALA A 253 10.98 -0.75 21.02
CA ALA A 253 10.35 -2.06 20.91
C ALA A 253 8.96 -2.11 21.52
N ALA A 254 8.63 -1.19 22.44
CA ALA A 254 7.31 -1.11 23.03
C ALA A 254 6.38 -0.13 22.34
N GLY A 255 6.91 0.88 21.65
CA GLY A 255 6.04 1.95 21.18
C GLY A 255 6.52 2.76 20.00
N GLY A 256 7.61 2.35 19.37
CA GLY A 256 8.28 3.18 18.39
C GLY A 256 7.90 3.05 16.92
N LEU A 257 7.02 2.14 16.52
CA LEU A 257 6.76 1.99 15.09
C LEU A 257 5.85 3.09 14.56
N VAL A 258 5.94 3.30 13.25
CA VAL A 258 5.18 4.32 12.53
C VAL A 258 4.68 3.71 11.22
N GLY A 259 3.38 3.80 10.97
CA GLY A 259 2.82 3.17 9.80
C GLY A 259 1.35 3.50 9.66
N SER A 260 0.70 2.79 8.76
CA SER A 260 -0.66 3.10 8.36
C SER A 260 -1.66 2.10 8.93
N ALA A 261 -2.93 2.47 8.83
CA ALA A 261 -3.98 1.50 9.13
C ALA A 261 -3.82 0.26 8.29
N THR A 262 -3.49 0.42 7.00
CA THR A 262 -3.39 -0.72 6.08
C THR A 262 -2.24 -1.66 6.46
N ASP A 263 -1.09 -1.11 6.87
CA ASP A 263 -0.03 -1.97 7.43
C ASP A 263 -0.53 -2.81 8.62
N LEU A 264 -1.26 -2.22 9.57
CA LEU A 264 -1.71 -2.98 10.72
C LEU A 264 -2.67 -4.09 10.33
N VAL A 265 -3.61 -3.79 9.42
CA VAL A 265 -4.54 -4.81 8.94
C VAL A 265 -3.80 -5.91 8.17
N THR A 266 -2.69 -5.55 7.52
CA THR A 266 -1.92 -6.57 6.79
C THR A 266 -1.21 -7.49 7.78
N ALA A 267 -0.66 -6.90 8.85
CA ALA A 267 -0.08 -7.73 9.90
C ALA A 267 -1.12 -8.58 10.61
N ALA A 268 -2.41 -8.26 10.44
CA ALA A 268 -3.46 -9.08 11.02
C ALA A 268 -3.86 -10.23 10.13
N ARG A 269 -3.49 -10.18 8.86
CA ARG A 269 -3.94 -11.21 7.92
C ARG A 269 -3.52 -12.63 8.29
N PRO A 270 -2.31 -12.91 8.81
CA PRO A 270 -2.00 -14.28 9.21
C PRO A 270 -2.90 -14.80 10.32
N HIS A 271 -3.50 -13.93 11.11
CA HIS A 271 -4.31 -14.33 12.25
C HIS A 271 -5.72 -14.75 11.87
N LEU A 272 -6.08 -14.76 10.60
CA LEU A 272 -7.49 -14.85 10.25
C LEU A 272 -7.87 -16.28 9.88
N ALA A 273 -9.17 -16.57 9.98
CA ALA A 273 -9.69 -17.85 9.50
C ALA A 273 -9.29 -18.09 8.05
N ASP A 274 -9.47 -17.09 7.18
CA ASP A 274 -9.11 -17.24 5.78
C ASP A 274 -7.60 -17.01 5.51
N ARG A 275 -6.75 -17.19 6.52
CA ARG A 275 -5.32 -16.89 6.39
C ARG A 275 -4.65 -17.52 5.17
N LYS A 276 -5.16 -18.66 4.68
CA LYS A 276 -4.47 -19.31 3.57
C LYS A 276 -4.55 -18.49 2.28
N THR A 277 -5.56 -17.63 2.15
CA THR A 277 -5.64 -16.69 1.05
C THR A 277 -4.59 -15.57 1.13
N PHE A 278 -3.76 -15.53 2.16
CA PHE A 278 -2.76 -14.48 2.33
C PHE A 278 -1.41 -15.07 1.94
N ALA A 279 -0.73 -14.46 0.96
CA ALA A 279 0.43 -15.11 0.37
C ALA A 279 1.61 -15.18 1.34
N GLN A 280 1.62 -14.34 2.37
CA GLN A 280 2.70 -14.38 3.36
C GLN A 280 2.31 -15.06 4.66
N HIS A 281 1.21 -15.82 4.68
CA HIS A 281 0.75 -16.42 5.94
C HIS A 281 1.81 -17.31 6.59
N ASP A 282 2.74 -17.85 5.80
CA ASP A 282 3.83 -18.68 6.30
C ASP A 282 4.68 -17.98 7.37
N LEU A 283 4.72 -16.65 7.38
CA LEU A 283 5.55 -15.89 8.31
C LEU A 283 5.11 -16.03 9.76
N LEU A 284 3.93 -16.60 9.98
CA LEU A 284 3.38 -16.71 11.33
C LEU A 284 2.48 -17.92 11.31
N PRO A 285 3.04 -19.09 11.61
CA PRO A 285 2.25 -20.34 11.56
C PRO A 285 0.97 -20.31 12.38
N GLU A 286 0.04 -21.20 12.03
CA GLU A 286 -1.25 -21.30 12.69
C GLU A 286 -1.11 -21.49 14.19
N ASP A 287 0.02 -21.97 14.64
CA ASP A 287 0.18 -22.25 16.06
C ASP A 287 0.69 -21.04 16.81
N ALA A 288 1.49 -20.19 16.16
CA ALA A 288 1.89 -18.95 16.81
C ALA A 288 0.71 -17.99 16.89
N VAL A 289 -0.07 -17.93 15.82
CA VAL A 289 -1.28 -17.13 15.80
C VAL A 289 -2.23 -17.57 16.90
N LEU A 290 -2.44 -18.88 17.02
CA LEU A 290 -3.24 -19.41 18.11
C LEU A 290 -2.67 -19.05 19.48
N ALA A 291 -1.35 -19.17 19.65
CA ALA A 291 -0.78 -18.81 20.93
C ALA A 291 -0.94 -17.32 21.23
N MET A 292 -0.93 -16.49 20.19
CA MET A 292 -0.96 -15.04 20.40
C MET A 292 -2.29 -14.58 20.96
N ARG A 293 -3.37 -15.30 20.68
CA ARG A 293 -4.69 -14.92 21.17
C ARG A 293 -5.18 -15.83 22.30
N THR A 294 -4.32 -16.70 22.81
CA THR A 294 -4.65 -17.55 23.96
C THR A 294 -4.39 -16.79 25.26
N CYS A 295 -5.45 -16.43 25.97
CA CYS A 295 -5.24 -15.55 27.12
C CYS A 295 -4.62 -16.33 28.27
N VAL A 296 -3.70 -15.66 28.96
CA VAL A 296 -3.07 -16.24 30.16
C VAL A 296 -4.15 -16.39 31.24
N PRO A 297 -4.22 -17.51 31.94
CA PRO A 297 -5.25 -17.70 32.95
C PRO A 297 -4.78 -17.23 34.33
N ASP A 298 -5.76 -16.91 35.16
CA ASP A 298 -5.49 -16.44 36.52
C ASP A 298 -4.72 -15.13 36.52
N ALA A 299 -4.96 -14.27 35.50
CA ALA A 299 -4.31 -12.97 35.40
C ALA A 299 -5.21 -12.04 34.58
N GLU A 300 -6.26 -11.54 35.22
CA GLU A 300 -7.17 -10.62 34.56
C GLU A 300 -6.46 -9.28 34.35
N PRO A 301 -6.47 -8.71 33.13
CA PRO A 301 -5.84 -7.38 32.92
C PRO A 301 -6.77 -6.26 33.39
N PHE A 302 -7.00 -6.23 34.71
CA PHE A 302 -8.08 -5.42 35.29
C PHE A 302 -7.98 -3.96 34.87
N GLY A 303 -9.04 -3.46 34.24
CA GLY A 303 -9.05 -2.09 33.78
C GLY A 303 -8.75 -1.90 32.30
N LEU A 304 -8.08 -2.85 31.64
CA LEU A 304 -7.76 -2.72 30.21
C LEU A 304 -8.53 -3.66 29.31
N ALA A 305 -8.75 -4.88 29.75
CA ALA A 305 -9.26 -5.94 28.88
C ALA A 305 -9.75 -7.10 29.73
N ASP A 306 -10.52 -8.00 29.11
CA ASP A 306 -10.93 -9.21 29.80
C ASP A 306 -9.80 -10.22 29.91
N GLY A 307 -8.89 -10.26 28.95
CA GLY A 307 -7.82 -11.24 28.98
C GLY A 307 -6.67 -10.75 28.12
N TRP A 308 -5.49 -11.30 28.38
CA TRP A 308 -4.36 -10.95 27.56
C TRP A 308 -3.68 -12.19 27.03
N GLY A 309 -3.32 -12.15 25.76
CA GLY A 309 -2.51 -13.19 25.16
C GLY A 309 -1.08 -12.76 24.99
N LEU A 310 -0.50 -13.10 23.84
CA LEU A 310 0.90 -12.78 23.54
C LEU A 310 0.88 -11.61 22.57
N GLY A 311 0.84 -10.40 23.11
CA GLY A 311 0.79 -9.25 22.25
C GLY A 311 -0.57 -8.95 21.68
N LEU A 312 -1.62 -9.62 22.15
CA LEU A 312 -2.99 -9.25 21.81
C LEU A 312 -3.79 -9.24 23.11
N MET A 313 -4.72 -8.29 23.21
CA MET A 313 -5.67 -8.24 24.31
C MET A 313 -7.04 -8.71 23.82
N ARG A 314 -7.88 -9.17 24.76
CA ARG A 314 -9.23 -9.65 24.42
C ARG A 314 -10.31 -8.79 25.05
N HIS A 315 -11.32 -8.39 24.25
CA HIS A 315 -12.53 -7.72 24.69
C HIS A 315 -13.75 -8.54 24.28
N GLY A 316 -14.38 -9.22 25.21
CA GLY A 316 -15.48 -10.11 24.91
C GLY A 316 -15.13 -11.56 25.21
N THR A 317 -16.13 -12.43 25.08
CA THR A 317 -16.03 -13.80 25.60
C THR A 317 -16.02 -14.83 24.48
N GLY A 318 -17.15 -15.06 23.81
CA GLY A 318 -17.20 -16.18 22.90
C GLY A 318 -17.17 -15.79 21.44
N ASP A 319 -18.30 -15.98 20.76
CA ASP A 319 -18.43 -15.53 19.38
C ASP A 319 -18.32 -14.01 19.27
N GLY A 320 -18.44 -13.30 20.38
CA GLY A 320 -18.28 -11.87 20.41
C GLY A 320 -16.93 -11.38 20.86
N ALA A 321 -15.94 -12.27 20.96
CA ALA A 321 -14.59 -11.89 21.37
C ALA A 321 -13.86 -11.22 20.22
N TRP A 322 -13.22 -10.09 20.51
CA TRP A 322 -12.35 -9.38 19.59
C TRP A 322 -10.98 -9.27 20.23
N TYR A 323 -9.97 -9.13 19.40
CA TYR A 323 -8.59 -9.13 19.85
C TYR A 323 -7.92 -7.88 19.29
N GLY A 324 -6.88 -7.42 19.96
CA GLY A 324 -6.25 -6.28 19.33
C GLY A 324 -5.32 -5.55 20.27
N HIS A 325 -5.16 -4.27 20.00
CA HIS A 325 -4.24 -3.44 20.77
C HIS A 325 -4.55 -1.97 20.52
N ASP A 326 -4.32 -1.17 21.56
CA ASP A 326 -4.45 0.29 21.56
C ASP A 326 -3.08 0.93 21.72
N GLY A 327 -2.95 2.17 21.25
CA GLY A 327 -1.76 2.95 21.50
C GLY A 327 -2.04 4.44 21.39
N ALA A 328 -1.13 5.23 21.95
CA ALA A 328 -1.22 6.69 21.81
C ALA A 328 0.17 7.30 21.97
N VAL A 329 0.50 8.25 21.10
CA VAL A 329 1.73 9.05 21.18
C VAL A 329 1.31 10.48 20.96
N GLY A 330 1.30 11.27 22.03
CA GLY A 330 0.90 12.66 21.96
C GLY A 330 -0.48 12.82 21.34
N GLY A 331 -0.54 13.60 20.26
CA GLY A 331 -1.79 13.79 19.57
C GLY A 331 -2.24 12.65 18.69
N ALA A 332 -1.50 11.55 18.67
CA ALA A 332 -1.81 10.45 17.77
C ALA A 332 -2.32 9.26 18.56
N SER A 333 -3.44 8.69 18.12
CA SER A 333 -3.98 7.44 18.64
C SER A 333 -3.95 6.36 17.57
N CYS A 334 -3.99 5.10 18.02
CA CYS A 334 -3.96 3.91 17.15
C CYS A 334 -4.74 2.77 17.79
N ASN A 335 -5.73 2.21 17.10
CA ASN A 335 -6.40 1.00 17.56
C ASN A 335 -6.44 -0.06 16.46
N LEU A 336 -6.20 -1.32 16.85
CA LEU A 336 -6.29 -2.47 15.96
C LEU A 336 -7.23 -3.50 16.58
N ARG A 337 -8.21 -3.98 15.81
CA ARG A 337 -9.15 -4.99 16.27
C ARG A 337 -9.28 -6.12 15.25
N ILE A 338 -9.37 -7.34 15.75
CA ILE A 338 -9.32 -8.54 14.92
C ILE A 338 -10.41 -9.50 15.38
N HIS A 339 -11.30 -9.87 14.46
CA HIS A 339 -12.19 -11.00 14.70
C HIS A 339 -11.69 -12.17 13.86
N PRO A 340 -11.00 -13.16 14.45
CA PRO A 340 -10.36 -14.18 13.59
C PRO A 340 -11.34 -15.13 12.94
N ASP A 341 -12.40 -15.54 13.65
CA ASP A 341 -13.33 -16.49 13.08
C ASP A 341 -14.09 -15.88 11.90
N ARG A 342 -14.44 -14.60 11.97
CA ARG A 342 -15.08 -13.96 10.83
C ARG A 342 -14.08 -13.40 9.81
N SER A 343 -12.78 -13.61 10.04
CA SER A 343 -11.74 -13.13 9.13
C SER A 343 -11.91 -11.62 8.89
N LEU A 344 -11.93 -10.88 10.00
CA LEU A 344 -12.17 -9.45 10.00
C LEU A 344 -11.04 -8.74 10.72
N ALA A 345 -10.56 -7.63 10.15
CA ALA A 345 -9.58 -6.80 10.83
C ALA A 345 -9.81 -5.35 10.46
N LEU A 346 -9.77 -4.47 11.45
CA LEU A 346 -9.83 -3.03 11.23
C LEU A 346 -8.83 -2.34 12.12
N ALA A 347 -8.27 -1.24 11.62
CA ALA A 347 -7.35 -0.40 12.36
C ALA A 347 -7.65 1.06 12.05
N LEU A 348 -7.62 1.89 13.09
CA LEU A 348 -7.74 3.32 12.95
C LEU A 348 -6.46 3.99 13.43
N THR A 349 -6.00 4.99 12.68
CA THR A 349 -4.97 5.91 13.13
C THR A 349 -5.53 7.32 13.03
N ALA A 350 -5.13 8.19 13.96
CA ALA A 350 -5.68 9.54 14.00
C ALA A 350 -4.69 10.42 14.72
N ASN A 351 -4.42 11.62 14.17
CA ASN A 351 -3.37 12.48 14.69
C ASN A 351 -3.94 13.70 15.39
N SER A 352 -5.08 13.52 16.06
CA SER A 352 -5.70 14.51 16.93
C SER A 352 -5.87 13.94 18.34
N THR A 353 -6.03 14.86 19.31
CA THR A 353 -6.18 14.50 20.71
C THR A 353 -7.56 13.97 21.05
N ALA A 354 -8.52 14.13 20.15
CA ALA A 354 -9.79 13.43 20.30
C ALA A 354 -9.71 11.97 19.89
N GLY A 355 -8.56 11.54 19.34
CA GLY A 355 -8.31 10.18 18.89
C GLY A 355 -8.94 9.07 19.72
N PRO A 356 -8.76 9.09 21.06
CA PRO A 356 -9.47 8.09 21.88
C PRO A 356 -10.98 8.19 21.77
N LYS A 357 -11.54 9.40 21.77
CA LYS A 357 -12.99 9.55 21.69
C LYS A 357 -13.50 9.27 20.27
N LEU A 358 -12.70 9.57 19.25
CA LEU A 358 -13.07 9.15 17.91
C LEU A 358 -13.18 7.63 17.84
N TRP A 359 -12.18 6.93 18.36
CA TRP A 359 -12.20 5.46 18.39
C TRP A 359 -13.45 4.94 19.10
N GLU A 360 -13.76 5.48 20.28
CA GLU A 360 -14.93 5.04 21.03
C GLU A 360 -16.23 5.34 20.29
N ALA A 361 -16.33 6.52 19.69
CA ALA A 361 -17.51 6.81 18.87
C ALA A 361 -17.56 5.94 17.62
N LEU A 362 -16.41 5.54 17.10
CA LEU A 362 -16.41 4.62 15.97
C LEU A 362 -16.90 3.23 16.39
N VAL A 363 -16.50 2.78 17.57
CA VAL A 363 -16.95 1.47 18.05
C VAL A 363 -18.45 1.49 18.31
N ALA A 364 -18.96 2.61 18.85
CA ALA A 364 -20.38 2.71 19.16
C ALA A 364 -21.23 2.75 17.90
N ARG A 365 -20.69 3.27 16.80
CA ARG A 365 -21.46 3.39 15.56
C ARG A 365 -21.19 2.30 14.53
N LEU A 366 -19.96 1.72 14.49
CA LEU A 366 -19.64 0.69 13.49
C LEU A 366 -20.69 -0.42 13.38
N PRO A 367 -21.41 -0.79 14.46
CA PRO A 367 -22.52 -1.75 14.28
C PRO A 367 -23.52 -1.37 13.20
N GLU A 368 -23.71 -0.07 12.94
CA GLU A 368 -24.52 0.41 11.81
C GLU A 368 -23.96 -0.06 10.42
N ALA A 369 -22.90 -0.87 10.40
CA ALA A 369 -22.44 -1.57 9.20
C ALA A 369 -22.14 -3.04 9.49
N GLY A 370 -22.68 -3.58 10.57
CA GLY A 370 -22.50 -4.98 10.93
C GLY A 370 -21.20 -5.32 11.65
N LEU A 371 -20.37 -4.34 11.98
CA LEU A 371 -19.10 -4.59 12.67
C LEU A 371 -19.31 -4.34 14.16
N ASP A 372 -19.75 -5.37 14.88
CA ASP A 372 -19.99 -5.25 16.32
C ASP A 372 -18.68 -5.50 17.05
N VAL A 373 -17.82 -4.49 17.05
CA VAL A 373 -16.52 -4.62 17.70
C VAL A 373 -16.74 -4.75 19.20
N GLY A 374 -16.11 -5.77 19.79
CA GLY A 374 -16.17 -5.98 21.22
C GLY A 374 -15.84 -4.75 22.04
N HIS A 375 -16.39 -4.68 23.23
CA HIS A 375 -16.24 -3.55 24.12
C HIS A 375 -15.66 -4.06 25.43
N TYR A 376 -14.89 -3.22 26.10
CA TYR A 376 -14.49 -3.48 27.48
C TYR A 376 -15.17 -2.45 28.38
N ALA A 377 -15.63 -2.92 29.53
CA ALA A 377 -16.20 -2.03 30.54
C ALA A 377 -15.75 -2.49 31.91
N LEU A 378 -15.30 -1.54 32.73
CA LEU A 378 -15.01 -1.82 34.13
C LEU A 378 -16.28 -2.29 34.84
N PRO A 379 -16.16 -3.19 35.80
CA PRO A 379 -17.33 -3.52 36.64
C PRO A 379 -17.68 -2.37 37.58
N VAL A 380 -18.97 -2.09 37.67
CA VAL A 380 -19.51 -1.20 38.70
C VAL A 380 -19.64 -2.05 39.96
N PRO A 381 -19.02 -1.65 41.07
CA PRO A 381 -19.16 -2.41 42.31
C PRO A 381 -20.61 -2.46 42.79
N ASP A 382 -21.05 -3.67 43.14
CA ASP A 382 -22.46 -3.95 43.41
C ASP A 382 -22.91 -3.53 44.81
N SER A 383 -21.98 -3.15 45.69
CA SER A 383 -22.29 -3.07 47.11
C SER A 383 -22.09 -1.68 47.69
N ALA A 384 -21.91 -1.62 49.01
CA ALA A 384 -21.69 -0.42 49.78
C ALA A 384 -20.29 -0.46 50.40
N PRO A 385 -19.76 0.69 50.84
CA PRO A 385 -18.39 0.72 51.35
C PRO A 385 -18.18 -0.24 52.52
N LEU A 386 -17.22 -1.13 52.37
CA LEU A 386 -16.96 -2.10 53.40
C LEU A 386 -16.04 -1.53 54.45
N ALA A 387 -16.14 -2.07 55.69
CA ALA A 387 -15.37 -1.66 56.84
C ALA A 387 -13.93 -1.41 56.43
N PRO A 388 -13.51 -0.13 56.45
CA PRO A 388 -12.14 0.22 56.07
C PRO A 388 -11.08 -0.67 56.70
N ASP A 389 -10.90 -1.89 56.21
CA ASP A 389 -9.72 -2.67 56.59
C ASP A 389 -8.50 -1.76 56.55
N ALA A 390 -7.82 -1.63 57.69
CA ALA A 390 -6.58 -0.88 57.75
C ALA A 390 -5.39 -1.70 57.28
N GLY A 391 -5.59 -3.00 57.01
CA GLY A 391 -4.56 -3.85 56.43
C GLY A 391 -4.28 -3.45 54.99
N HIS A 392 -4.88 -2.33 54.58
CA HIS A 392 -4.74 -1.74 53.27
C HIS A 392 -3.87 -0.49 53.24
N LEU A 393 -3.63 0.12 54.40
CA LEU A 393 -2.82 1.34 54.46
C LEU A 393 -1.41 1.05 54.01
N GLY A 394 -0.79 2.04 53.38
CA GLY A 394 0.60 1.90 52.98
C GLY A 394 0.93 2.52 51.65
N THR A 395 2.16 2.34 51.21
CA THR A 395 2.63 2.91 49.96
C THR A 395 2.70 1.83 48.88
N TYR A 396 2.07 2.11 47.74
CA TYR A 396 2.04 1.23 46.59
C TYR A 396 2.78 1.89 45.47
N ALA A 397 3.69 1.16 44.84
CA ALA A 397 4.61 1.70 43.85
C ALA A 397 4.66 0.81 42.63
N ASN A 398 4.79 1.44 41.46
CA ASN A 398 5.17 0.78 40.20
C ASN A 398 6.29 1.63 39.64
N GLY A 399 7.54 1.24 39.93
CA GLY A 399 8.66 2.01 39.45
C GLY A 399 8.75 3.34 40.18
N ASP A 400 8.39 4.42 39.50
CA ASP A 400 8.36 5.75 40.10
C ASP A 400 6.95 6.25 40.38
N LEU A 401 5.93 5.67 39.77
CA LEU A 401 4.55 5.91 40.18
C LEU A 401 4.35 5.40 41.60
N GLU A 402 3.73 6.21 42.46
CA GLU A 402 3.55 5.87 43.87
C GLU A 402 2.19 6.34 44.35
N LEU A 403 1.41 5.46 44.97
CA LEU A 403 0.23 5.87 45.72
C LEU A 403 0.46 5.66 47.21
N MET A 404 -0.35 6.35 48.02
CA MET A 404 -0.48 6.03 49.43
C MET A 404 -1.95 5.82 49.73
N VAL A 405 -2.26 4.73 50.41
CA VAL A 405 -3.57 4.54 51.00
C VAL A 405 -3.49 5.02 52.45
N THR A 406 -4.17 6.12 52.75
CA THR A 406 -4.20 6.72 54.08
C THR A 406 -5.59 6.63 54.69
N HIS A 407 -5.65 6.79 56.01
CA HIS A 407 -6.90 7.16 56.66
C HIS A 407 -6.77 8.54 57.26
N ASP A 408 -7.93 9.17 57.46
CA ASP A 408 -8.09 10.38 58.25
C ASP A 408 -8.71 10.01 59.61
N ALA A 409 -8.80 11.02 60.50
CA ALA A 409 -9.15 10.72 61.89
C ALA A 409 -10.57 10.18 62.06
N ALA A 410 -11.42 10.30 61.06
CA ALA A 410 -12.73 9.67 61.08
C ALA A 410 -12.72 8.23 60.60
N GLY A 411 -11.57 7.72 60.11
CA GLY A 411 -11.42 6.32 59.73
C GLY A 411 -11.60 6.02 58.25
N ASP A 412 -12.07 6.96 57.45
CA ASP A 412 -12.21 6.74 56.01
C ASP A 412 -10.84 6.65 55.35
N LEU A 413 -10.78 5.93 54.23
CA LEU A 413 -9.56 5.70 53.46
C LEU A 413 -9.43 6.66 52.29
N PHE A 414 -8.18 7.02 51.97
CA PHE A 414 -7.88 7.92 50.88
C PHE A 414 -6.76 7.36 50.02
N LEU A 415 -6.75 7.80 48.77
CA LEU A 415 -5.72 7.48 47.79
C LEU A 415 -5.06 8.78 47.33
N THR A 416 -3.80 9.00 47.73
CA THR A 416 -3.07 10.21 47.43
C THR A 416 -1.94 9.92 46.45
N ARG A 417 -1.57 10.94 45.67
CA ARG A 417 -0.38 10.87 44.83
C ARG A 417 0.27 12.23 44.69
N GLU A 418 1.60 12.23 44.58
CA GLU A 418 2.42 13.37 44.22
C GLU A 418 1.72 14.22 43.15
N SER A 419 1.38 15.47 43.52
CA SER A 419 0.86 16.46 42.57
C SER A 419 -0.40 15.94 41.86
N TYR A 420 -1.23 15.23 42.62
CA TYR A 420 -2.60 14.87 42.25
C TYR A 420 -3.52 15.33 43.37
N SER A 421 -4.81 15.37 43.08
CA SER A 421 -5.71 15.60 44.19
C SER A 421 -5.98 14.29 44.94
N ASP A 422 -6.41 14.42 46.19
CA ASP A 422 -6.72 13.24 46.99
C ASP A 422 -8.00 12.61 46.51
N TYR A 423 -8.13 11.30 46.69
CA TYR A 423 -9.35 10.59 46.36
C TYR A 423 -9.95 9.98 47.61
N ARG A 424 -11.27 10.00 47.71
CA ARG A 424 -11.95 9.15 48.67
C ARG A 424 -11.97 7.73 48.13
N LEU A 425 -11.59 6.77 48.98
CA LEU A 425 -11.45 5.38 48.61
C LEU A 425 -12.53 4.56 49.31
N SER A 426 -13.29 3.78 48.56
CA SER A 426 -14.31 2.89 49.10
C SER A 426 -13.98 1.44 48.73
N LEU A 427 -13.89 0.58 49.75
CA LEU A 427 -13.69 -0.84 49.52
C LEU A 427 -15.03 -1.53 49.27
N HIS A 428 -15.03 -2.50 48.35
CA HIS A 428 -16.24 -3.22 47.95
C HIS A 428 -15.94 -4.71 47.92
N GLU A 429 -16.96 -5.48 47.55
CA GLU A 429 -16.82 -6.93 47.54
C GLU A 429 -15.91 -7.36 46.40
N ASP A 430 -15.33 -8.55 46.55
CA ASP A 430 -14.35 -9.12 45.60
C ASP A 430 -13.09 -8.27 45.52
N ASP A 431 -12.78 -7.54 46.59
CA ASP A 431 -11.61 -6.66 46.70
C ASP A 431 -11.65 -5.51 45.68
N LEU A 432 -12.81 -5.20 45.12
CA LEU A 432 -12.96 -4.01 44.31
C LEU A 432 -12.82 -2.73 45.14
N PHE A 433 -12.39 -1.66 44.49
CA PHE A 433 -12.41 -0.35 45.11
C PHE A 433 -12.83 0.70 44.09
N VAL A 434 -13.49 1.75 44.56
CA VAL A 434 -13.71 2.94 43.77
C VAL A 434 -13.04 4.09 44.49
N ALA A 435 -12.39 4.97 43.75
CA ALA A 435 -11.77 6.16 44.31
C ALA A 435 -12.34 7.37 43.59
N ARG A 436 -12.89 8.30 44.36
CA ARG A 436 -13.59 9.46 43.84
C ARG A 436 -12.91 10.72 44.33
N SER A 437 -12.61 11.63 43.42
CA SER A 437 -12.11 12.95 43.75
C SER A 437 -13.24 13.90 43.39
N GLY A 438 -13.85 14.52 44.40
CA GLY A 438 -15.02 15.35 44.18
C GLY A 438 -14.88 16.35 43.03
N GLU A 439 -13.66 16.58 42.63
CA GLU A 439 -13.37 17.53 41.58
C GLU A 439 -13.71 16.93 40.21
N PRO A 440 -14.43 17.66 39.36
CA PRO A 440 -14.86 17.11 38.07
C PRO A 440 -13.75 16.98 37.03
N GLY A 441 -12.62 17.68 37.19
CA GLY A 441 -11.53 17.48 36.26
C GLY A 441 -10.78 16.17 36.44
N ALA A 442 -11.03 15.45 37.53
CA ALA A 442 -10.27 14.25 37.89
C ALA A 442 -11.22 13.04 37.99
N LEU A 443 -11.25 12.21 36.91
CA LEU A 443 -12.06 11.01 36.72
C LEU A 443 -11.98 10.03 37.89
N PRO A 444 -13.05 9.28 38.17
CA PRO A 444 -12.97 8.22 39.18
C PRO A 444 -12.20 7.00 38.71
N ILE A 445 -11.72 6.26 39.71
CA ILE A 445 -10.85 5.12 39.54
C ILE A 445 -11.57 3.90 40.06
N THR A 446 -11.68 2.86 39.23
CA THR A 446 -12.17 1.56 39.68
C THR A 446 -10.98 0.61 39.65
N GLY A 447 -10.69 0.01 40.78
CA GLY A 447 -9.55 -0.83 40.86
C GLY A 447 -9.89 -2.04 41.69
N ARG A 448 -8.86 -2.72 42.18
CA ARG A 448 -9.04 -3.87 43.03
C ARG A 448 -7.70 -4.14 43.71
N PHE A 449 -7.77 -4.80 44.86
CA PHE A 449 -6.58 -5.22 45.57
C PHE A 449 -6.35 -6.71 45.32
N VAL A 450 -5.10 -7.13 45.48
CA VAL A 450 -4.70 -8.50 45.15
C VAL A 450 -3.87 -9.06 46.29
N ARG A 451 -4.24 -10.24 46.77
CA ARG A 451 -3.47 -10.93 47.78
C ARG A 451 -2.68 -12.05 47.11
N GLU A 452 -1.48 -12.31 47.64
CA GLU A 452 -0.69 -13.45 47.16
C GLU A 452 -1.19 -14.77 47.69
N HIS A 453 -2.11 -14.78 48.67
CA HIS A 453 -2.59 -15.99 49.29
C HIS A 453 -3.95 -15.67 49.86
N PRO A 454 -4.92 -16.59 49.83
CA PRO A 454 -6.26 -16.24 50.35
C PRO A 454 -6.28 -15.92 51.85
N ALA A 455 -5.25 -16.33 52.60
CA ALA A 455 -5.12 -15.94 54.00
C ALA A 455 -4.20 -14.74 54.21
N GLY A 456 -3.46 -14.33 53.19
CA GLY A 456 -2.49 -13.27 53.35
C GLY A 456 -3.13 -11.90 53.31
N PRO A 457 -2.29 -10.89 53.35
CA PRO A 457 -2.77 -9.51 53.24
C PRO A 457 -2.74 -8.99 51.81
N VAL A 458 -3.28 -7.79 51.66
CA VAL A 458 -3.26 -7.13 50.37
C VAL A 458 -1.80 -6.93 49.95
N ALA A 459 -1.47 -7.35 48.73
CA ALA A 459 -0.13 -7.26 48.17
C ALA A 459 -0.04 -6.29 47.00
N LEU A 460 -1.08 -6.23 46.16
CA LEU A 460 -1.10 -5.43 44.94
C LEU A 460 -2.32 -4.54 44.92
N LEU A 461 -2.12 -3.30 44.53
CA LEU A 461 -3.19 -2.44 44.07
C LEU A 461 -3.16 -2.41 42.54
N GLN A 462 -4.34 -2.50 41.92
CA GLN A 462 -4.41 -2.75 40.48
C GLN A 462 -5.50 -1.92 39.83
N TYR A 463 -5.12 -1.01 38.94
CA TYR A 463 -6.08 -0.28 38.10
C TYR A 463 -5.41 0.20 36.82
N GLY A 464 -6.23 0.44 35.80
CA GLY A 464 -5.71 0.82 34.51
C GLY A 464 -4.79 -0.21 33.89
N GLY A 465 -4.87 -1.47 34.33
CA GLY A 465 -4.00 -2.50 33.84
C GLY A 465 -2.63 -2.55 34.49
N ARG A 466 -2.37 -1.71 35.47
CA ARG A 466 -1.10 -1.72 36.19
C ARG A 466 -1.31 -2.20 37.61
N ALA A 467 -0.33 -2.94 38.13
CA ALA A 467 -0.29 -3.33 39.54
C ALA A 467 0.76 -2.49 40.23
N MET A 468 0.54 -2.23 41.53
CA MET A 468 1.49 -1.46 42.31
C MET A 468 1.75 -2.16 43.63
N HIS A 469 3.00 -2.57 43.81
CA HIS A 469 3.38 -3.40 44.94
C HIS A 469 3.34 -2.59 46.23
N ARG A 470 2.60 -3.10 47.23
CA ARG A 470 2.65 -2.51 48.56
C ARG A 470 4.07 -2.60 49.11
N LEU A 471 4.62 -1.46 49.52
CA LEU A 471 6.01 -1.46 49.98
C LEU A 471 6.13 -1.96 51.41
N GLU B 24 -18.54 -10.31 -3.38
CA GLU B 24 -18.42 -11.77 -3.39
C GLU B 24 -17.06 -12.24 -2.90
N GLY B 25 -17.00 -12.69 -1.64
CA GLY B 25 -15.75 -13.19 -1.09
C GLY B 25 -15.29 -14.49 -1.73
N ALA B 26 -16.24 -15.38 -2.06
CA ALA B 26 -15.90 -16.62 -2.76
C ALA B 26 -15.35 -16.36 -4.15
N GLU B 27 -15.68 -15.20 -4.74
CA GLU B 27 -15.09 -14.83 -6.03
C GLU B 27 -13.63 -14.42 -5.87
N ARG B 28 -13.32 -13.64 -4.82
CA ARG B 28 -11.96 -13.13 -4.65
C ARG B 28 -10.94 -14.26 -4.51
N ASP B 29 -11.36 -15.43 -4.00
CA ASP B 29 -10.43 -16.56 -3.95
C ASP B 29 -10.36 -17.30 -5.29
N ALA B 30 -11.46 -17.26 -6.07
CA ALA B 30 -11.43 -17.85 -7.40
C ALA B 30 -10.46 -17.11 -8.31
N VAL B 31 -10.36 -15.79 -8.16
CA VAL B 31 -9.33 -15.05 -8.87
C VAL B 31 -7.96 -15.39 -8.33
N GLY B 32 -7.85 -15.49 -7.00
CA GLY B 32 -6.57 -15.85 -6.40
C GLY B 32 -6.08 -17.21 -6.87
N ALA B 33 -6.96 -18.22 -6.80
CA ALA B 33 -6.60 -19.55 -7.27
C ALA B 33 -6.26 -19.52 -8.75
N LEU B 34 -7.05 -18.80 -9.54
CA LEU B 34 -6.79 -18.70 -10.97
C LEU B 34 -5.50 -17.95 -11.24
N PHE B 35 -5.25 -16.86 -10.52
CA PHE B 35 -4.00 -16.13 -10.67
C PHE B 35 -2.80 -17.04 -10.41
N GLU B 36 -2.91 -17.91 -9.40
CA GLU B 36 -1.74 -18.65 -8.93
C GLU B 36 -1.47 -19.90 -9.78
N GLU B 37 -2.52 -20.46 -10.40
CA GLU B 37 -2.28 -21.51 -11.38
C GLU B 37 -1.53 -20.94 -12.59
N LEU B 38 -2.07 -19.85 -13.19
CA LEU B 38 -1.52 -19.36 -14.45
C LEU B 38 -0.11 -18.80 -14.29
N VAL B 39 0.23 -18.31 -13.11
CA VAL B 39 1.61 -17.88 -12.90
C VAL B 39 2.54 -19.09 -12.87
N ARG B 40 2.08 -20.20 -12.26
CA ARG B 40 2.84 -21.44 -12.29
C ARG B 40 2.85 -22.03 -13.70
N GLU B 41 1.67 -22.29 -14.25
CA GLU B 41 1.53 -22.82 -15.60
C GLU B 41 2.28 -22.02 -16.68
N HIS B 42 2.69 -20.77 -16.39
CA HIS B 42 3.53 -20.02 -17.33
C HIS B 42 4.91 -19.69 -16.76
N ARG B 43 5.29 -20.34 -15.66
CA ARG B 43 6.58 -20.15 -14.97
C ARG B 43 6.99 -18.66 -14.95
N VAL B 44 6.16 -17.88 -14.27
CA VAL B 44 6.45 -16.47 -14.06
C VAL B 44 7.30 -16.35 -12.80
N THR B 45 8.37 -15.56 -12.86
CA THR B 45 9.22 -15.33 -11.69
C THR B 45 8.43 -14.68 -10.57
N GLY B 46 7.81 -13.55 -10.86
CA GLY B 46 7.08 -12.80 -9.85
C GLY B 46 5.95 -12.05 -10.50
N ALA B 47 4.88 -11.85 -9.75
CA ALA B 47 3.71 -11.20 -10.31
C ALA B 47 2.91 -10.55 -9.20
N GLN B 48 2.25 -9.44 -9.55
CA GLN B 48 1.18 -8.86 -8.77
C GLN B 48 -0.06 -8.79 -9.65
N LEU B 49 -1.20 -9.08 -9.05
CA LEU B 49 -2.50 -8.75 -9.63
C LEU B 49 -3.30 -7.96 -8.59
N SER B 50 -3.87 -6.82 -8.99
CA SER B 50 -4.77 -6.09 -8.10
C SER B 50 -6.11 -5.89 -8.80
N VAL B 51 -7.19 -6.11 -8.07
CA VAL B 51 -8.54 -5.95 -8.59
C VAL B 51 -9.32 -5.07 -7.62
N TYR B 52 -9.98 -4.04 -8.14
CA TYR B 52 -10.89 -3.23 -7.36
C TYR B 52 -12.29 -3.49 -7.94
N ARG B 53 -13.16 -4.11 -7.15
CA ARG B 53 -14.56 -4.23 -7.52
C ARG B 53 -15.43 -4.19 -6.27
N ASP B 54 -16.66 -3.73 -6.45
CA ASP B 54 -17.64 -3.61 -5.36
C ASP B 54 -17.10 -2.73 -4.22
N GLY B 55 -16.33 -1.70 -4.60
CA GLY B 55 -15.72 -0.78 -3.65
C GLY B 55 -14.68 -1.38 -2.73
N ALA B 56 -14.03 -2.48 -3.13
CA ALA B 56 -13.01 -3.08 -2.30
C ALA B 56 -11.86 -3.61 -3.15
N LEU B 57 -10.69 -3.69 -2.52
CA LEU B 57 -9.45 -4.03 -3.20
C LEU B 57 -9.05 -5.46 -2.88
N SER B 58 -8.69 -6.20 -3.93
CA SER B 58 -8.00 -7.49 -3.84
C SER B 58 -6.57 -7.30 -4.31
N GLU B 59 -5.60 -7.68 -3.49
CA GLU B 59 -4.17 -7.59 -3.78
C GLU B 59 -3.55 -9.00 -3.76
N TYR B 60 -3.18 -9.53 -4.92
CA TYR B 60 -2.50 -10.82 -5.01
C TYR B 60 -1.05 -10.58 -5.40
N ALA B 61 -0.14 -11.30 -4.78
CA ALA B 61 1.27 -11.12 -5.09
C ALA B 61 1.97 -12.47 -4.92
N THR B 62 2.76 -12.86 -5.93
CA THR B 62 3.37 -14.19 -5.92
C THR B 62 4.78 -14.17 -6.52
N GLY B 63 5.52 -15.22 -6.20
CA GLY B 63 6.82 -15.37 -6.82
C GLY B 63 7.89 -14.53 -6.15
N LEU B 64 8.89 -14.16 -6.96
CA LEU B 64 10.15 -13.56 -6.49
C LEU B 64 10.40 -12.22 -7.16
N ALA B 65 10.82 -11.23 -6.36
CA ALA B 65 11.20 -9.95 -6.97
C ALA B 65 12.46 -10.09 -7.79
N SER B 66 13.45 -10.80 -7.26
CA SER B 66 14.65 -11.17 -8.00
C SER B 66 14.99 -12.62 -7.68
N VAL B 67 15.55 -13.33 -8.67
CA VAL B 67 16.00 -14.69 -8.42
C VAL B 67 17.44 -14.71 -7.91
N ARG B 68 18.23 -13.68 -8.21
CA ARG B 68 19.59 -13.63 -7.70
C ARG B 68 19.61 -13.49 -6.17
N THR B 69 19.02 -12.43 -5.64
CA THR B 69 18.67 -12.47 -4.23
C THR B 69 17.38 -13.27 -4.08
N GLY B 70 17.00 -13.56 -2.85
CA GLY B 70 15.80 -14.35 -2.63
C GLY B 70 14.52 -13.59 -2.41
N GLU B 71 14.55 -12.27 -2.51
CA GLU B 71 13.45 -11.46 -1.97
C GLU B 71 12.15 -11.77 -2.70
N PRO B 72 11.07 -12.04 -1.97
CA PRO B 72 9.78 -12.34 -2.62
C PRO B 72 9.04 -11.07 -3.02
N VAL B 73 8.03 -11.27 -3.86
CA VAL B 73 7.15 -10.19 -4.27
C VAL B 73 6.16 -9.95 -3.15
N THR B 74 6.06 -8.71 -2.72
CA THR B 74 4.97 -8.21 -1.90
C THR B 74 4.11 -7.30 -2.77
N PRO B 75 2.96 -6.84 -2.26
CA PRO B 75 2.23 -5.79 -3.01
C PRO B 75 2.92 -4.44 -2.98
N ARG B 76 4.00 -4.28 -2.23
CA ARG B 76 4.75 -3.04 -2.21
C ARG B 76 5.81 -3.00 -3.30
N THR B 77 6.22 -4.18 -3.79
CA THR B 77 7.27 -4.30 -4.80
C THR B 77 6.94 -3.49 -6.05
N GLY B 78 7.91 -2.67 -6.48
CA GLY B 78 7.77 -1.97 -7.75
C GLY B 78 8.13 -2.82 -8.97
N PHE B 79 7.28 -2.78 -9.99
CA PHE B 79 7.49 -3.35 -11.31
C PHE B 79 7.59 -2.23 -12.34
N PRO B 80 8.39 -2.40 -13.39
CA PRO B 80 8.37 -1.41 -14.47
C PRO B 80 7.02 -1.36 -15.14
N PHE B 81 6.44 -0.16 -15.24
CA PHE B 81 5.21 -0.01 -16.01
C PHE B 81 5.48 -0.08 -17.51
N GLY B 82 6.66 0.35 -17.95
CA GLY B 82 6.82 0.51 -19.38
C GLY B 82 5.87 1.56 -19.89
N SER B 83 5.26 1.26 -21.03
CA SER B 83 4.42 2.23 -21.70
C SER B 83 3.16 2.57 -20.93
N VAL B 84 2.79 1.79 -19.90
CA VAL B 84 1.65 2.17 -19.05
C VAL B 84 1.94 3.47 -18.34
N THR B 85 3.21 3.82 -18.17
CA THR B 85 3.63 5.14 -17.73
C THR B 85 2.87 6.24 -18.44
N LYS B 86 2.50 6.02 -19.70
CA LYS B 86 1.77 7.04 -20.45
C LYS B 86 0.40 7.33 -19.85
N PHE B 87 -0.21 6.35 -19.18
CA PHE B 87 -1.50 6.60 -18.56
C PHE B 87 -1.36 7.62 -17.43
N LEU B 88 -0.30 7.49 -16.63
CA LEU B 88 -0.09 8.46 -15.55
C LEU B 88 0.39 9.80 -16.07
N THR B 89 1.20 9.79 -17.14
CA THR B 89 1.60 11.05 -17.76
C THR B 89 0.39 11.76 -18.37
N ALA B 90 -0.49 11.00 -19.05
CA ALA B 90 -1.76 11.56 -19.49
C ALA B 90 -2.52 12.18 -18.31
N GLU B 91 -2.65 11.45 -17.18
CA GLU B 91 -3.34 11.99 -16.01
C GLU B 91 -2.71 13.30 -15.54
N LEU B 92 -1.39 13.34 -15.43
CA LEU B 92 -0.71 14.55 -14.98
C LEU B 92 -0.97 15.71 -15.93
N VAL B 93 -0.87 15.46 -17.24
CA VAL B 93 -1.12 16.52 -18.22
C VAL B 93 -2.54 17.06 -18.07
N MET B 94 -3.51 16.17 -17.85
CA MET B 94 -4.90 16.60 -17.67
C MET B 94 -5.05 17.47 -16.42
N GLN B 95 -4.26 17.17 -15.38
CA GLN B 95 -4.33 17.99 -14.18
C GLN B 95 -4.03 19.45 -14.49
N PHE B 96 -3.06 19.70 -15.38
CA PHE B 96 -2.74 21.08 -15.73
C PHE B 96 -3.81 21.69 -16.61
N VAL B 97 -4.40 20.88 -17.49
CA VAL B 97 -5.54 21.33 -18.28
C VAL B 97 -6.68 21.76 -17.36
N CYS B 98 -6.87 21.07 -16.25
CA CYS B 98 -7.98 21.40 -15.36
C CYS B 98 -7.65 22.60 -14.49
N ASP B 99 -6.43 22.68 -13.96
CA ASP B 99 -5.95 23.87 -13.30
C ASP B 99 -5.70 25.02 -14.29
N GLY B 100 -6.27 24.93 -15.49
CA GLY B 100 -6.11 25.96 -16.50
C GLY B 100 -4.70 26.45 -16.77
N ASP B 101 -3.70 25.63 -16.45
CA ASP B 101 -2.31 25.96 -16.74
C ASP B 101 -1.93 25.63 -18.17
N LEU B 102 -2.83 25.07 -18.96
CA LEU B 102 -2.47 24.50 -20.25
C LEU B 102 -3.72 24.13 -21.05
N ASP B 103 -3.74 24.50 -22.31
CA ASP B 103 -4.88 24.31 -23.18
C ASP B 103 -4.67 23.07 -24.04
N LEU B 104 -5.72 22.26 -24.21
CA LEU B 104 -5.58 21.00 -24.95
C LEU B 104 -5.34 21.21 -26.44
N ASP B 105 -5.86 22.31 -27.01
CA ASP B 105 -5.71 22.62 -28.43
C ASP B 105 -4.66 23.69 -28.68
N ASP B 106 -4.00 24.18 -27.64
CA ASP B 106 -2.96 25.16 -27.86
C ASP B 106 -1.85 24.51 -28.68
N PRO B 107 -1.49 25.05 -29.84
CA PRO B 107 -0.39 24.50 -30.62
C PRO B 107 0.90 24.51 -29.81
N LEU B 108 1.78 23.56 -30.12
CA LEU B 108 3.05 23.51 -29.41
C LEU B 108 3.96 24.68 -29.75
N ALA B 109 3.75 25.34 -30.89
CA ALA B 109 4.54 26.51 -31.25
C ALA B 109 4.46 27.60 -30.18
N GLY B 110 3.37 27.65 -29.42
CA GLY B 110 3.24 28.53 -28.29
C GLY B 110 3.98 28.12 -27.03
N LEU B 111 4.66 26.97 -27.06
CA LEU B 111 5.36 26.46 -25.88
C LEU B 111 6.83 26.14 -26.19
N PRO B 122 5.44 23.31 -39.36
CA PRO B 122 6.04 22.08 -38.80
C PRO B 122 5.16 21.37 -37.76
N LEU B 123 5.81 20.79 -36.75
CA LEU B 123 5.12 20.20 -35.61
C LEU B 123 4.52 21.25 -34.67
N GLY B 124 4.72 22.54 -34.97
CA GLY B 124 4.16 23.60 -34.18
C GLY B 124 2.68 23.83 -34.38
N THR B 125 2.07 23.13 -35.33
CA THR B 125 0.63 23.16 -35.48
C THR B 125 -0.06 22.00 -34.80
N ALA B 126 0.70 21.13 -34.13
CA ALA B 126 0.16 20.01 -33.39
C ALA B 126 -0.25 20.46 -31.97
N THR B 127 -1.08 19.63 -31.33
CA THR B 127 -1.67 20.01 -30.05
C THR B 127 -1.36 18.97 -28.98
N VAL B 128 -1.40 19.44 -27.74
CA VAL B 128 -1.34 18.58 -26.56
C VAL B 128 -2.34 17.43 -26.71
N ARG B 129 -3.57 17.74 -27.16
CA ARG B 129 -4.60 16.72 -27.30
C ARG B 129 -4.19 15.62 -28.26
N GLN B 130 -3.50 15.99 -29.35
CA GLN B 130 -3.12 15.02 -30.37
C GLN B 130 -1.95 14.16 -29.91
N LEU B 131 -0.98 14.76 -29.20
CA LEU B 131 0.09 13.98 -28.59
C LEU B 131 -0.47 12.93 -27.65
N LEU B 132 -1.37 13.35 -26.77
CA LEU B 132 -2.03 12.41 -25.86
C LEU B 132 -2.67 11.26 -26.61
N SER B 133 -3.15 11.48 -27.83
CA SER B 133 -3.88 10.45 -28.56
C SER B 133 -3.08 9.87 -29.73
N HIS B 134 -1.77 10.16 -29.80
CA HIS B 134 -0.88 9.60 -30.82
C HIS B 134 -1.31 10.01 -32.22
N THR B 135 -1.84 11.23 -32.37
CA THR B 135 -2.24 11.71 -33.68
C THR B 135 -1.50 12.97 -34.08
N ALA B 136 -0.40 13.29 -33.40
CA ALA B 136 0.36 14.47 -33.80
C ALA B 136 1.19 14.25 -35.04
N GLY B 137 1.46 12.99 -35.39
CA GLY B 137 2.36 12.69 -36.48
C GLY B 137 3.81 12.65 -36.08
N VAL B 138 4.09 12.48 -34.79
CA VAL B 138 5.45 12.29 -34.35
C VAL B 138 5.95 10.90 -34.72
N VAL B 139 7.25 10.81 -35.06
CA VAL B 139 7.88 9.50 -35.23
C VAL B 139 7.86 8.77 -33.89
N ASP B 140 7.97 7.44 -33.96
CA ASP B 140 7.99 6.67 -32.72
C ASP B 140 9.26 6.98 -31.92
N SER B 141 10.43 6.91 -32.55
CA SER B 141 11.70 7.08 -31.85
C SER B 141 12.60 8.10 -32.52
N ILE B 142 13.09 9.06 -31.74
CA ILE B 142 14.33 9.76 -32.04
C ILE B 142 15.30 9.46 -30.91
N GLU B 143 16.52 9.06 -31.27
CA GLU B 143 17.52 8.85 -30.24
C GLU B 143 17.87 10.18 -29.58
N TYR B 144 18.14 10.11 -28.27
CA TYR B 144 18.62 11.28 -27.54
C TYR B 144 19.37 10.83 -26.31
N ASP B 145 20.43 10.04 -26.49
CA ASP B 145 21.21 9.48 -25.39
C ASP B 145 22.14 10.50 -24.75
N GLU B 146 22.08 11.75 -25.17
CA GLU B 146 22.92 12.83 -24.66
C GLU B 146 22.28 13.59 -23.49
N MET B 147 21.01 13.33 -23.20
CA MET B 147 20.27 14.02 -22.16
C MET B 147 20.91 13.81 -20.81
N ARG B 148 21.15 14.91 -20.10
CA ARG B 148 21.75 14.89 -18.77
C ARG B 148 20.71 15.19 -17.71
N GLY B 149 20.36 16.46 -17.50
CA GLY B 149 19.52 16.85 -16.40
C GLY B 149 18.10 16.28 -16.44
N PRO B 150 17.27 16.69 -15.49
CA PRO B 150 15.85 16.30 -15.54
C PRO B 150 15.06 17.07 -16.58
N SER B 151 15.63 18.14 -17.14
CA SER B 151 14.88 18.98 -18.05
C SER B 151 14.72 18.32 -19.41
N TYR B 152 13.56 18.55 -20.02
CA TYR B 152 13.21 18.01 -21.32
C TYR B 152 13.32 19.06 -22.43
N ARG B 153 13.93 20.21 -22.16
CA ARG B 153 13.87 21.31 -23.13
C ARG B 153 14.70 20.99 -24.38
N ARG B 154 16.00 20.74 -24.21
CA ARG B 154 16.85 20.49 -25.37
C ARG B 154 16.39 19.27 -26.18
N PHE B 155 15.75 18.29 -25.53
CA PHE B 155 15.17 17.15 -26.26
C PHE B 155 14.09 17.63 -27.22
N ALA B 156 13.31 18.62 -26.80
CA ALA B 156 12.28 19.16 -27.68
C ALA B 156 12.88 19.87 -28.87
N ALA B 157 14.14 20.33 -28.78
CA ALA B 157 14.80 20.89 -29.94
C ALA B 157 15.06 19.82 -31.00
N ALA B 158 15.70 18.70 -30.60
CA ALA B 158 15.99 17.58 -31.50
C ALA B 158 14.76 17.02 -32.19
N CYS B 159 13.56 17.23 -31.64
CA CYS B 159 12.36 16.75 -32.33
C CYS B 159 12.04 17.61 -33.54
N ALA B 160 11.96 18.93 -33.35
CA ALA B 160 11.62 19.82 -34.45
C ALA B 160 12.51 19.61 -35.68
N ARG B 161 13.76 19.20 -35.46
CA ARG B 161 14.68 18.90 -36.54
C ARG B 161 14.45 17.51 -37.14
N GLN B 162 13.32 16.89 -36.86
CA GLN B 162 12.97 15.58 -37.37
C GLN B 162 11.65 15.67 -38.11
N PRO B 163 11.57 15.21 -39.36
CA PRO B 163 10.34 15.39 -40.14
C PRO B 163 9.16 14.65 -39.52
N ALA B 164 7.97 15.10 -39.90
CA ALA B 164 6.72 14.57 -39.38
C ALA B 164 6.24 13.39 -40.19
N LEU B 165 5.49 12.50 -39.53
CA LEU B 165 4.89 11.37 -40.23
C LEU B 165 3.84 11.83 -41.23
N PHE B 166 2.89 12.66 -40.80
CA PHE B 166 1.80 13.15 -41.65
C PHE B 166 1.40 14.52 -41.11
N PRO B 167 0.37 15.17 -41.65
CA PRO B 167 -0.13 16.39 -41.01
C PRO B 167 -0.83 16.06 -39.70
N PRO B 168 -0.59 16.88 -38.65
CA PRO B 168 -1.23 16.64 -37.34
C PRO B 168 -2.71 16.37 -37.41
N GLY B 169 -3.13 15.20 -36.93
CA GLY B 169 -4.52 14.79 -36.99
C GLY B 169 -4.87 13.77 -38.06
N LEU B 170 -3.99 13.52 -39.04
CA LEU B 170 -4.40 12.67 -40.15
C LEU B 170 -4.68 11.25 -39.70
N ALA B 171 -3.88 10.73 -38.78
CA ALA B 171 -4.01 9.32 -38.42
C ALA B 171 -3.40 9.05 -37.05
N PHE B 172 -3.68 7.85 -36.57
CA PHE B 172 -3.02 7.31 -35.38
C PHE B 172 -1.64 6.76 -35.71
N SER B 173 -0.65 7.12 -34.90
CA SER B 173 0.64 6.43 -34.94
C SER B 173 1.27 6.52 -33.55
N TYR B 174 1.38 5.37 -32.90
CA TYR B 174 1.86 5.30 -31.52
C TYR B 174 3.25 5.91 -31.47
N SER B 175 3.46 6.82 -30.52
CA SER B 175 4.73 7.53 -30.42
C SER B 175 5.17 7.66 -28.96
N ASN B 176 6.22 6.96 -28.61
CA ASN B 176 6.96 7.26 -27.40
C ASN B 176 7.45 8.70 -27.40
N THR B 177 7.94 9.18 -28.53
CA THR B 177 8.51 10.54 -28.57
C THR B 177 7.45 11.60 -28.31
N GLY B 178 6.23 11.39 -28.79
CA GLY B 178 5.16 12.33 -28.50
C GLY B 178 5.00 12.58 -27.01
N TYR B 179 4.95 11.50 -26.21
CA TYR B 179 4.77 11.65 -24.78
C TYR B 179 6.00 12.22 -24.11
N CYS B 180 7.18 12.02 -24.70
CA CYS B 180 8.36 12.72 -24.22
C CYS B 180 8.21 14.21 -24.47
N LEU B 181 7.57 14.59 -25.57
CA LEU B 181 7.23 15.98 -25.75
C LEU B 181 6.20 16.43 -24.72
N LEU B 182 5.31 15.53 -24.30
CA LEU B 182 4.41 15.85 -23.21
C LEU B 182 5.18 16.09 -21.92
N GLY B 183 6.32 15.43 -21.75
CA GLY B 183 7.16 15.74 -20.61
C GLY B 183 7.63 17.19 -20.61
N ALA B 184 8.00 17.69 -21.79
CA ALA B 184 8.50 19.05 -21.89
C ALA B 184 7.37 20.08 -21.87
N VAL B 185 6.18 19.70 -22.34
CA VAL B 185 5.02 20.57 -22.19
C VAL B 185 4.68 20.73 -20.71
N ILE B 186 4.66 19.62 -19.97
CA ILE B 186 4.51 19.65 -18.51
C ILE B 186 5.54 20.59 -17.91
N GLU B 187 6.81 20.43 -18.30
CA GLU B 187 7.86 21.27 -17.77
C GLU B 187 7.57 22.75 -18.05
N ALA B 188 7.15 23.06 -19.28
CA ALA B 188 6.83 24.43 -19.65
C ALA B 188 5.62 24.96 -18.87
N ALA B 189 4.55 24.16 -18.80
CA ALA B 189 3.30 24.65 -18.21
C ALA B 189 3.40 24.72 -16.70
N SER B 190 3.91 23.67 -16.07
CA SER B 190 4.34 23.78 -14.68
C SER B 190 5.62 24.59 -14.67
N GLY B 191 6.25 24.72 -13.52
CA GLY B 191 7.64 25.13 -13.54
C GLY B 191 8.59 23.98 -13.31
N MET B 192 8.07 22.78 -13.12
CA MET B 192 8.85 21.67 -12.62
C MET B 192 9.25 20.73 -13.75
N ASP B 193 10.34 20.00 -13.53
CA ASP B 193 10.69 18.90 -14.40
C ASP B 193 9.62 17.82 -14.29
N TRP B 194 9.64 16.89 -15.25
CA TRP B 194 8.57 15.89 -15.34
C TRP B 194 8.57 14.96 -14.13
N TRP B 195 9.75 14.62 -13.60
CA TRP B 195 9.85 13.75 -12.44
C TRP B 195 9.24 14.42 -11.21
N THR B 196 9.62 15.67 -10.99
CA THR B 196 9.11 16.39 -9.83
C THR B 196 7.60 16.60 -9.92
N ALA B 197 7.10 16.98 -11.11
CA ALA B 197 5.66 17.20 -11.22
C ALA B 197 4.90 15.89 -11.09
N MET B 198 5.45 14.79 -11.59
CA MET B 198 4.77 13.51 -11.51
C MET B 198 4.66 13.04 -10.06
N ASP B 199 5.74 13.23 -9.29
CA ASP B 199 5.73 12.91 -7.87
C ASP B 199 4.83 13.87 -7.10
N SER B 200 5.04 15.18 -7.26
CA SER B 200 4.35 16.11 -6.38
C SER B 200 2.88 16.32 -6.76
N CYS B 201 2.53 16.37 -8.04
CA CYS B 201 1.16 16.65 -8.42
C CYS B 201 0.26 15.42 -8.52
N LEU B 202 0.81 14.21 -8.44
CA LEU B 202 -0.03 13.07 -8.80
C LEU B 202 0.26 11.86 -7.93
N LEU B 203 1.50 11.42 -7.91
CA LEU B 203 1.85 10.18 -7.19
C LEU B 203 1.70 10.37 -5.70
N ARG B 204 2.33 11.42 -5.17
CA ARG B 204 2.24 11.66 -3.74
C ARG B 204 0.80 11.91 -3.28
N PRO B 205 -0.03 12.69 -3.98
CA PRO B 205 -1.44 12.78 -3.57
C PRO B 205 -2.13 11.43 -3.56
N LEU B 206 -1.89 10.60 -4.57
CA LEU B 206 -2.51 9.29 -4.60
C LEU B 206 -1.96 8.35 -3.52
N GLY B 207 -0.89 8.74 -2.83
CA GLY B 207 -0.26 7.83 -1.90
C GLY B 207 0.56 6.74 -2.54
N ILE B 208 1.09 6.98 -3.73
CA ILE B 208 1.93 6.04 -4.44
C ILE B 208 3.40 6.34 -4.12
N GLU B 209 4.18 5.30 -3.84
CA GLU B 209 5.60 5.51 -3.59
C GLU B 209 6.35 5.73 -4.91
N PRO B 210 6.78 6.97 -5.20
CA PRO B 210 7.44 7.24 -6.48
C PRO B 210 8.66 6.36 -6.68
N ALA B 211 8.89 6.00 -7.94
CA ALA B 211 10.03 5.21 -8.38
C ALA B 211 10.12 5.33 -9.90
N PHE B 212 11.34 5.32 -10.40
CA PHE B 212 11.58 5.44 -11.83
C PHE B 212 12.71 4.49 -12.23
N LEU B 213 12.79 4.21 -13.54
CA LEU B 213 13.94 3.49 -14.07
C LEU B 213 15.20 4.32 -13.95
N HIS B 214 15.08 5.64 -14.07
CA HIS B 214 16.19 6.56 -13.86
C HIS B 214 15.63 7.83 -13.24
N ASP B 215 16.30 8.33 -12.22
CA ASP B 215 15.97 9.62 -11.65
C ASP B 215 17.19 10.50 -11.80
N PRO B 216 17.18 11.48 -12.70
CA PRO B 216 18.34 12.35 -12.90
C PRO B 216 18.42 13.54 -11.94
N ARG B 217 17.54 13.61 -10.93
CA ARG B 217 17.49 14.80 -10.10
C ARG B 217 18.57 14.76 -9.01
N PRO B 218 19.08 15.91 -8.60
CA PRO B 218 20.13 15.95 -7.58
C PRO B 218 19.70 15.26 -6.28
N GLY B 219 20.62 14.51 -5.70
CA GLY B 219 20.36 13.85 -4.43
C GLY B 219 19.27 12.80 -4.53
N GLN B 220 19.37 11.92 -5.52
CA GLN B 220 18.43 10.81 -5.71
C GLN B 220 19.18 9.51 -5.84
N GLY B 221 20.29 9.38 -5.10
CA GLY B 221 21.07 8.17 -5.07
C GLY B 221 20.76 7.25 -3.91
N GLY B 222 19.73 7.54 -3.12
CA GLY B 222 19.46 6.82 -1.90
C GLY B 222 18.78 5.46 -2.11
N ALA B 223 18.39 4.86 -0.98
CA ALA B 223 17.75 3.54 -0.94
C ALA B 223 16.34 3.58 -1.51
N ALA B 224 16.13 2.88 -2.62
CA ALA B 224 14.89 2.97 -3.38
C ALA B 224 13.75 2.25 -2.68
N ARG B 225 12.57 2.36 -3.29
CA ARG B 225 11.52 1.40 -3.07
C ARG B 225 11.98 0.04 -3.60
N PRO B 226 11.56 -1.08 -2.98
CA PRO B 226 11.91 -2.40 -3.53
C PRO B 226 11.33 -2.54 -4.93
N VAL B 227 12.11 -3.17 -5.81
CA VAL B 227 11.74 -3.34 -7.20
C VAL B 227 11.97 -4.80 -7.60
N ALA B 228 11.56 -5.14 -8.81
CA ALA B 228 11.74 -6.47 -9.36
C ALA B 228 12.47 -6.35 -10.69
N GLU B 229 13.48 -7.20 -10.91
CA GLU B 229 14.23 -7.22 -12.16
C GLU B 229 13.64 -8.25 -13.13
N GLY B 230 13.68 -7.93 -14.42
CA GLY B 230 13.14 -8.81 -15.44
C GLY B 230 13.88 -10.14 -15.56
N HIS B 231 13.24 -11.08 -16.25
CA HIS B 231 13.75 -12.45 -16.34
C HIS B 231 13.33 -13.07 -17.66
N ALA B 232 14.20 -13.91 -18.22
CA ALA B 232 13.98 -14.57 -19.50
C ALA B 232 14.57 -15.97 -19.48
N LEU B 233 14.01 -16.83 -20.34
CA LEU B 233 14.49 -18.21 -20.56
C LEU B 233 14.73 -18.98 -19.26
N MET B 246 13.03 1.40 -23.10
CA MET B 246 12.70 2.28 -21.97
C MET B 246 13.82 2.41 -20.93
N ALA B 247 14.99 1.84 -21.19
CA ALA B 247 16.11 2.00 -20.26
C ALA B 247 16.83 3.34 -20.44
N SER B 248 16.73 3.99 -21.60
CA SER B 248 17.38 5.29 -21.77
C SER B 248 16.62 6.37 -21.00
N LEU B 249 17.35 7.42 -20.61
CA LEU B 249 16.83 8.39 -19.66
C LEU B 249 15.70 9.23 -20.25
N SER B 250 15.82 9.61 -21.52
CA SER B 250 14.87 10.51 -22.19
C SER B 250 13.49 9.90 -22.39
N LEU B 251 13.33 8.59 -22.24
CA LEU B 251 12.04 7.95 -22.40
C LEU B 251 11.16 8.00 -21.16
N ALA B 252 11.63 8.64 -20.08
CA ALA B 252 10.98 8.51 -18.77
C ALA B 252 9.49 8.87 -18.84
N ALA B 253 9.16 10.03 -19.41
CA ALA B 253 7.77 10.42 -19.49
C ALA B 253 6.93 9.49 -20.35
N ALA B 254 7.57 8.62 -21.16
CA ALA B 254 6.86 7.67 -22.00
C ALA B 254 6.89 6.25 -21.49
N GLY B 255 7.87 5.88 -20.67
CA GLY B 255 8.01 4.50 -20.21
C GLY B 255 8.78 4.31 -18.91
N GLY B 256 8.98 5.39 -18.15
CA GLY B 256 9.94 5.36 -17.06
C GLY B 256 9.45 5.08 -15.65
N LEU B 257 8.14 4.97 -15.41
CA LEU B 257 7.67 4.78 -14.04
C LEU B 257 7.79 3.32 -13.60
N VAL B 258 7.91 3.14 -12.27
CA VAL B 258 8.00 1.85 -11.60
C VAL B 258 7.02 1.84 -10.41
N GLY B 259 6.17 0.81 -10.35
CA GLY B 259 5.22 0.72 -9.25
C GLY B 259 4.50 -0.60 -9.22
N SER B 260 3.43 -0.67 -8.45
CA SER B 260 2.75 -1.92 -8.19
C SER B 260 1.43 -1.99 -8.93
N ALA B 261 0.90 -3.22 -9.08
CA ALA B 261 -0.46 -3.38 -9.54
C ALA B 261 -1.41 -2.49 -8.75
N THR B 262 -1.21 -2.40 -7.43
CA THR B 262 -2.13 -1.66 -6.59
C THR B 262 -2.10 -0.17 -6.89
N ASP B 263 -0.89 0.41 -7.01
CA ASP B 263 -0.75 1.79 -7.49
C ASP B 263 -1.58 2.06 -8.75
N LEU B 264 -1.42 1.23 -9.80
CA LEU B 264 -2.10 1.49 -11.05
C LEU B 264 -3.62 1.44 -10.90
N VAL B 265 -4.11 0.46 -10.14
CA VAL B 265 -5.52 0.40 -9.77
C VAL B 265 -5.92 1.65 -8.98
N THR B 266 -5.06 2.12 -8.07
CA THR B 266 -5.39 3.34 -7.35
C THR B 266 -5.47 4.51 -8.32
N ALA B 267 -4.61 4.56 -9.33
CA ALA B 267 -4.66 5.68 -10.25
C ALA B 267 -5.88 5.60 -11.15
N ALA B 268 -6.51 4.44 -11.20
CA ALA B 268 -7.73 4.26 -11.97
C ALA B 268 -8.95 4.66 -11.19
N ARG B 269 -8.86 4.73 -9.86
CA ARG B 269 -10.01 5.08 -9.03
C ARG B 269 -10.78 6.29 -9.50
N PRO B 270 -10.16 7.43 -9.82
CA PRO B 270 -10.97 8.59 -10.21
C PRO B 270 -11.76 8.36 -11.47
N HIS B 271 -11.47 7.30 -12.22
CA HIS B 271 -12.11 7.06 -13.50
C HIS B 271 -13.44 6.33 -13.38
N LEU B 272 -13.79 5.83 -12.20
CA LEU B 272 -14.89 4.89 -12.05
C LEU B 272 -16.20 5.59 -11.75
N ALA B 273 -17.29 4.86 -11.94
CA ALA B 273 -18.62 5.39 -11.62
C ALA B 273 -18.72 5.74 -10.14
N ASP B 274 -18.17 4.90 -9.25
CA ASP B 274 -18.08 5.19 -7.81
C ASP B 274 -16.88 6.04 -7.44
N ARG B 275 -16.52 7.03 -8.25
CA ARG B 275 -15.34 7.86 -7.96
C ARG B 275 -15.51 8.73 -6.71
N LYS B 276 -16.75 9.06 -6.32
CA LYS B 276 -16.91 9.97 -5.19
C LYS B 276 -16.57 9.31 -3.85
N THR B 277 -16.54 7.96 -3.77
CA THR B 277 -16.07 7.24 -2.59
C THR B 277 -14.55 7.18 -2.50
N PHE B 278 -13.84 7.87 -3.36
CA PHE B 278 -12.38 7.85 -3.42
C PHE B 278 -11.86 9.20 -2.96
N ALA B 279 -11.06 9.22 -1.89
CA ALA B 279 -10.78 10.45 -1.16
C ALA B 279 -10.16 11.50 -2.07
N GLN B 280 -9.30 11.08 -3.00
CA GLN B 280 -8.61 12.03 -3.86
C GLN B 280 -9.21 12.10 -5.27
N HIS B 281 -10.52 11.91 -5.40
CA HIS B 281 -11.17 11.96 -6.71
C HIS B 281 -11.02 13.33 -7.37
N ASP B 282 -10.84 14.40 -6.60
CA ASP B 282 -10.68 15.74 -7.16
C ASP B 282 -9.34 15.95 -7.88
N LEU B 283 -8.43 14.96 -7.90
CA LEU B 283 -7.19 15.13 -8.66
C LEU B 283 -7.45 15.06 -10.16
N LEU B 284 -8.49 14.33 -10.57
CA LEU B 284 -8.95 14.35 -11.95
C LEU B 284 -10.47 14.53 -11.92
N PRO B 285 -10.96 15.71 -12.26
CA PRO B 285 -12.42 15.92 -12.29
C PRO B 285 -13.10 15.07 -13.34
N GLU B 286 -14.42 14.95 -13.22
CA GLU B 286 -15.14 14.05 -14.12
C GLU B 286 -14.92 14.42 -15.57
N ASP B 287 -14.65 15.69 -15.84
CA ASP B 287 -14.52 16.06 -17.24
C ASP B 287 -13.18 15.60 -17.82
N ALA B 288 -12.11 15.71 -17.05
CA ALA B 288 -10.83 15.17 -17.50
C ALA B 288 -10.93 13.67 -17.66
N VAL B 289 -11.55 13.01 -16.69
CA VAL B 289 -11.72 11.57 -16.74
C VAL B 289 -12.47 11.14 -18.01
N LEU B 290 -13.59 11.81 -18.30
CA LEU B 290 -14.35 11.48 -19.51
C LEU B 290 -13.58 11.82 -20.79
N ALA B 291 -12.90 12.97 -20.82
CA ALA B 291 -12.09 13.29 -22.00
C ALA B 291 -11.01 12.24 -22.25
N MET B 292 -10.49 11.59 -21.19
CA MET B 292 -9.43 10.62 -21.36
C MET B 292 -9.92 9.34 -22.03
N ARG B 293 -11.20 9.00 -21.89
CA ARG B 293 -11.68 7.78 -22.49
C ARG B 293 -12.55 8.01 -23.71
N THR B 294 -12.73 9.25 -24.16
CA THR B 294 -13.40 9.50 -25.43
C THR B 294 -12.38 9.38 -26.57
N CYS B 295 -12.64 8.45 -27.49
CA CYS B 295 -11.68 8.16 -28.55
C CYS B 295 -11.75 9.18 -29.67
N VAL B 296 -10.60 9.42 -30.28
CA VAL B 296 -10.59 10.24 -31.48
C VAL B 296 -11.40 9.52 -32.57
N PRO B 297 -12.32 10.20 -33.25
CA PRO B 297 -12.95 9.61 -34.43
C PRO B 297 -12.05 9.68 -35.66
N ASP B 298 -12.24 8.70 -36.54
CA ASP B 298 -11.51 8.65 -37.81
C ASP B 298 -9.99 8.69 -37.58
N ALA B 299 -9.55 8.04 -36.49
CA ALA B 299 -8.13 7.87 -36.16
C ALA B 299 -8.02 6.50 -35.51
N GLU B 300 -8.06 5.49 -36.35
CA GLU B 300 -8.15 4.09 -35.93
C GLU B 300 -6.77 3.55 -35.54
N PRO B 301 -6.59 3.04 -34.30
CA PRO B 301 -5.23 2.61 -33.88
C PRO B 301 -4.88 1.20 -34.38
N PHE B 302 -4.82 1.08 -35.70
CA PHE B 302 -4.84 -0.22 -36.36
C PHE B 302 -3.78 -1.17 -35.85
N GLY B 303 -4.22 -2.30 -35.32
CA GLY B 303 -3.30 -3.29 -34.80
C GLY B 303 -3.09 -3.26 -33.30
N LEU B 304 -3.56 -2.23 -32.59
CA LEU B 304 -3.43 -2.11 -31.13
C LEU B 304 -4.74 -2.10 -30.39
N ALA B 305 -5.76 -1.42 -30.92
CA ALA B 305 -6.97 -1.21 -30.16
C ALA B 305 -8.05 -0.74 -31.12
N ASP B 306 -9.28 -0.78 -30.65
CA ASP B 306 -10.41 -0.29 -31.43
C ASP B 306 -10.45 1.24 -31.46
N GLY B 307 -10.01 1.89 -30.39
CA GLY B 307 -9.94 3.33 -30.35
C GLY B 307 -8.89 3.76 -29.34
N TRP B 308 -8.45 4.99 -29.46
CA TRP B 308 -7.54 5.59 -28.50
C TRP B 308 -8.08 6.93 -28.07
N GLY B 309 -7.89 7.25 -26.80
CA GLY B 309 -8.31 8.52 -26.29
C GLY B 309 -7.08 9.29 -25.83
N LEU B 310 -7.19 9.94 -24.68
CA LEU B 310 -6.09 10.73 -24.13
C LEU B 310 -5.40 9.83 -23.10
N GLY B 311 -4.47 9.00 -23.56
CA GLY B 311 -3.75 8.10 -22.68
C GLY B 311 -4.48 6.86 -22.28
N LEU B 312 -5.67 6.62 -22.82
CA LEU B 312 -6.36 5.34 -22.65
C LEU B 312 -6.64 4.76 -24.02
N MET B 313 -6.54 3.44 -24.14
CA MET B 313 -7.01 2.75 -25.32
C MET B 313 -8.28 1.99 -24.98
N ARG B 314 -9.08 1.68 -26.01
CA ARG B 314 -10.35 0.98 -25.85
C ARG B 314 -10.33 -0.34 -26.61
N HIS B 315 -10.78 -1.40 -25.95
CA HIS B 315 -11.08 -2.70 -26.54
C HIS B 315 -12.55 -2.99 -26.30
N GLY B 316 -13.30 -3.19 -27.37
CA GLY B 316 -14.73 -3.40 -27.29
C GLY B 316 -15.49 -2.19 -27.78
N THR B 317 -16.79 -2.39 -28.01
CA THR B 317 -17.53 -1.28 -28.58
C THR B 317 -18.79 -0.92 -27.81
N GLY B 318 -19.56 -1.91 -27.35
CA GLY B 318 -20.75 -1.58 -26.61
C GLY B 318 -20.44 -1.01 -25.24
N ASP B 319 -21.38 -1.10 -24.32
CA ASP B 319 -20.95 -0.78 -22.97
C ASP B 319 -20.08 -1.87 -22.37
N GLY B 320 -19.87 -2.98 -23.08
CA GLY B 320 -18.91 -3.99 -22.67
C GLY B 320 -17.50 -3.67 -23.15
N ALA B 321 -17.25 -2.38 -23.40
CA ALA B 321 -15.95 -1.88 -23.80
C ALA B 321 -15.10 -1.54 -22.58
N TRP B 322 -13.86 -2.02 -22.58
CA TRP B 322 -12.89 -1.79 -21.51
C TRP B 322 -11.85 -0.78 -21.97
N TYR B 323 -11.08 -0.28 -21.01
CA TYR B 323 -10.10 0.74 -21.25
C TYR B 323 -8.82 0.38 -20.54
N GLY B 324 -7.69 0.89 -21.03
CA GLY B 324 -6.47 0.63 -20.29
C GLY B 324 -5.23 0.97 -21.10
N HIS B 325 -4.17 0.20 -20.84
CA HIS B 325 -2.86 0.44 -21.41
C HIS B 325 -1.97 -0.77 -21.11
N ASP B 326 -1.10 -1.10 -22.06
CA ASP B 326 -0.15 -2.18 -21.88
C ASP B 326 1.27 -1.64 -21.82
N GLY B 327 2.17 -2.44 -21.28
CA GLY B 327 3.59 -2.11 -21.33
C GLY B 327 4.46 -3.34 -21.21
N ALA B 328 5.74 -3.14 -21.56
CA ALA B 328 6.76 -4.19 -21.46
C ALA B 328 8.13 -3.53 -21.52
N VAL B 329 8.97 -3.81 -20.53
CA VAL B 329 10.36 -3.39 -20.53
C VAL B 329 11.18 -4.62 -20.29
N GLY B 330 11.96 -5.04 -21.29
CA GLY B 330 12.77 -6.23 -21.19
C GLY B 330 11.92 -7.39 -20.76
N GLY B 331 12.28 -8.04 -19.67
CA GLY B 331 11.50 -9.17 -19.22
C GLY B 331 10.34 -8.83 -18.33
N ALA B 332 9.90 -7.56 -18.30
CA ALA B 332 8.81 -7.11 -17.44
C ALA B 332 7.61 -6.73 -18.30
N SER B 333 6.42 -7.20 -17.92
CA SER B 333 5.19 -6.72 -18.55
C SER B 333 4.26 -6.06 -17.53
N CYS B 334 3.29 -5.28 -18.04
CA CYS B 334 2.35 -4.52 -17.22
C CYS B 334 1.07 -4.29 -17.99
N ASN B 335 -0.08 -4.68 -17.42
CA ASN B 335 -1.39 -4.42 -18.02
C ASN B 335 -2.33 -3.73 -17.03
N LEU B 336 -3.02 -2.68 -17.48
CA LEU B 336 -4.10 -2.04 -16.75
C LEU B 336 -5.37 -2.14 -17.56
N ARG B 337 -6.49 -2.51 -16.92
CA ARG B 337 -7.80 -2.49 -17.53
C ARG B 337 -8.80 -1.82 -16.59
N ILE B 338 -9.71 -1.03 -17.16
CA ILE B 338 -10.68 -0.25 -16.40
C ILE B 338 -12.05 -0.39 -17.05
N HIS B 339 -13.06 -0.77 -16.26
CA HIS B 339 -14.42 -0.66 -16.75
C HIS B 339 -15.12 0.44 -15.98
N PRO B 340 -15.27 1.64 -16.55
CA PRO B 340 -15.72 2.78 -15.75
C PRO B 340 -17.14 2.64 -15.19
N ASP B 341 -18.10 2.17 -15.99
CA ASP B 341 -19.47 2.14 -15.51
C ASP B 341 -19.68 1.07 -14.43
N ARG B 342 -19.02 -0.07 -14.56
CA ARG B 342 -19.11 -1.10 -13.52
C ARG B 342 -18.14 -0.86 -12.36
N SER B 343 -17.43 0.27 -12.34
CA SER B 343 -16.49 0.59 -11.25
C SER B 343 -15.55 -0.58 -10.97
N LEU B 344 -14.84 -0.98 -12.01
CA LEU B 344 -13.98 -2.15 -11.98
C LEU B 344 -12.60 -1.74 -12.48
N ALA B 345 -11.56 -2.11 -11.74
CA ALA B 345 -10.22 -1.86 -12.25
C ALA B 345 -9.30 -2.97 -11.82
N LEU B 346 -8.36 -3.30 -12.70
CA LEU B 346 -7.63 -4.56 -12.70
C LEU B 346 -6.26 -4.26 -13.29
N ALA B 347 -5.20 -4.63 -12.59
CA ALA B 347 -3.88 -4.42 -13.17
C ALA B 347 -2.97 -5.60 -12.83
N LEU B 348 -2.14 -6.00 -13.81
CA LEU B 348 -1.19 -7.09 -13.62
C LEU B 348 0.23 -6.60 -13.87
N THR B 349 1.17 -7.04 -13.03
CA THR B 349 2.60 -6.87 -13.26
C THR B 349 3.29 -8.23 -13.14
N ALA B 350 4.32 -8.45 -13.96
CA ALA B 350 5.00 -9.74 -14.00
C ALA B 350 6.39 -9.51 -14.55
N ASN B 351 7.42 -10.01 -13.88
CA ASN B 351 8.79 -9.78 -14.32
C ASN B 351 9.34 -10.96 -15.11
N SER B 352 8.48 -11.71 -15.78
CA SER B 352 8.90 -12.77 -16.68
C SER B 352 8.63 -12.36 -18.14
N THR B 353 9.40 -12.98 -19.06
CA THR B 353 9.18 -12.75 -20.48
C THR B 353 7.91 -13.44 -20.99
N ALA B 354 7.35 -14.37 -20.19
CA ALA B 354 6.06 -14.97 -20.50
C ALA B 354 4.88 -14.07 -20.11
N GLY B 355 5.13 -12.99 -19.34
CA GLY B 355 4.12 -12.04 -18.91
C GLY B 355 3.00 -11.77 -19.91
N PRO B 356 3.35 -11.49 -21.17
CA PRO B 356 2.31 -11.36 -22.20
C PRO B 356 1.42 -12.59 -22.33
N LYS B 357 1.99 -13.79 -22.23
CA LYS B 357 1.16 -14.99 -22.32
C LYS B 357 0.36 -15.17 -21.04
N LEU B 358 0.96 -14.85 -19.89
CA LEU B 358 0.20 -14.73 -18.64
C LEU B 358 -1.02 -13.81 -18.81
N TRP B 359 -0.83 -12.64 -19.44
CA TRP B 359 -1.93 -11.70 -19.60
C TRP B 359 -3.02 -12.26 -20.52
N GLU B 360 -2.62 -12.85 -21.64
CA GLU B 360 -3.58 -13.52 -22.51
C GLU B 360 -4.31 -14.64 -21.77
N ALA B 361 -3.55 -15.53 -21.13
CA ALA B 361 -4.19 -16.62 -20.41
C ALA B 361 -5.16 -16.08 -19.38
N LEU B 362 -4.69 -15.10 -18.61
CA LEU B 362 -5.53 -14.44 -17.61
C LEU B 362 -6.82 -13.91 -18.25
N VAL B 363 -6.70 -13.20 -19.36
CA VAL B 363 -7.86 -12.59 -19.99
C VAL B 363 -8.85 -13.67 -20.47
N ALA B 364 -8.33 -14.76 -21.02
CA ALA B 364 -9.19 -15.83 -21.52
C ALA B 364 -9.83 -16.67 -20.43
N ARG B 365 -9.29 -16.64 -19.19
CA ARG B 365 -9.81 -17.46 -18.10
C ARG B 365 -10.65 -16.68 -17.10
N LEU B 366 -10.36 -15.39 -16.87
CA LEU B 366 -11.07 -14.55 -15.90
C LEU B 366 -12.59 -14.57 -16.00
N PRO B 367 -13.21 -14.78 -17.18
CA PRO B 367 -14.69 -14.80 -17.23
C PRO B 367 -15.33 -15.82 -16.32
N GLU B 368 -14.58 -16.81 -15.82
CA GLU B 368 -15.14 -17.72 -14.82
C GLU B 368 -15.48 -16.98 -13.51
N ALA B 369 -14.70 -15.95 -13.16
CA ALA B 369 -14.96 -15.15 -11.97
C ALA B 369 -15.72 -13.86 -12.30
N GLY B 370 -16.28 -13.75 -13.49
CA GLY B 370 -17.05 -12.60 -13.88
C GLY B 370 -16.26 -11.46 -14.48
N LEU B 371 -14.95 -11.62 -14.66
CA LEU B 371 -14.11 -10.54 -15.18
C LEU B 371 -13.89 -10.73 -16.68
N ASP B 372 -14.96 -10.49 -17.44
CA ASP B 372 -14.89 -10.53 -18.89
C ASP B 372 -14.22 -9.25 -19.37
N VAL B 373 -12.88 -9.25 -19.30
CA VAL B 373 -12.12 -8.11 -19.82
C VAL B 373 -12.20 -8.12 -21.32
N GLY B 374 -12.75 -7.05 -21.90
CA GLY B 374 -12.86 -6.89 -23.33
C GLY B 374 -11.55 -7.16 -24.03
N HIS B 375 -11.61 -7.53 -25.30
CA HIS B 375 -10.45 -8.05 -26.01
C HIS B 375 -10.40 -7.42 -27.40
N TYR B 376 -9.21 -7.42 -27.99
CA TYR B 376 -8.98 -6.81 -29.30
C TYR B 376 -8.77 -7.89 -30.35
N ALA B 377 -9.48 -7.75 -31.47
CA ALA B 377 -9.37 -8.66 -32.61
C ALA B 377 -8.77 -7.91 -33.80
N LEU B 378 -7.63 -8.39 -34.29
CA LEU B 378 -7.15 -7.93 -35.58
C LEU B 378 -8.24 -8.15 -36.62
N PRO B 379 -8.42 -7.24 -37.56
CA PRO B 379 -9.29 -7.53 -38.71
C PRO B 379 -8.66 -8.60 -39.58
N VAL B 380 -9.49 -9.52 -40.05
CA VAL B 380 -9.07 -10.58 -40.96
C VAL B 380 -9.69 -10.30 -42.32
N PRO B 381 -8.89 -10.24 -43.39
CA PRO B 381 -9.45 -9.85 -44.70
C PRO B 381 -10.29 -10.97 -45.28
N ASP B 382 -11.50 -10.61 -45.72
CA ASP B 382 -12.39 -11.57 -46.37
C ASP B 382 -12.08 -11.70 -47.86
N SER B 383 -11.46 -10.69 -48.47
CA SER B 383 -11.20 -10.69 -49.90
C SER B 383 -10.08 -11.68 -50.26
N ALA B 384 -9.91 -11.84 -51.56
CA ALA B 384 -8.89 -12.66 -52.17
C ALA B 384 -7.83 -11.76 -52.78
N PRO B 385 -6.55 -12.15 -52.65
CA PRO B 385 -5.41 -11.29 -53.06
C PRO B 385 -5.71 -10.31 -54.19
N LEU B 386 -5.93 -9.05 -53.84
CA LEU B 386 -6.28 -8.04 -54.81
C LEU B 386 -5.09 -7.76 -55.73
N ALA B 387 -5.42 -7.31 -56.94
CA ALA B 387 -4.45 -7.03 -57.98
C ALA B 387 -3.30 -6.20 -57.44
N PRO B 388 -2.08 -6.71 -57.50
CA PRO B 388 -0.95 -5.96 -56.95
C PRO B 388 -0.83 -4.56 -57.52
N ASP B 389 -1.64 -3.60 -57.06
CA ASP B 389 -1.46 -2.22 -57.52
C ASP B 389 -0.01 -1.82 -57.30
N ALA B 390 0.60 -1.25 -58.34
CA ALA B 390 2.02 -0.93 -58.34
C ALA B 390 2.31 0.47 -57.82
N GLY B 391 1.28 1.22 -57.40
CA GLY B 391 1.48 2.45 -56.64
C GLY B 391 1.80 2.24 -55.18
N HIS B 392 1.69 1.01 -54.70
CA HIS B 392 2.07 0.66 -53.34
C HIS B 392 3.59 0.52 -53.20
N LEU B 393 4.35 0.52 -54.28
CA LEU B 393 5.79 0.34 -54.18
C LEU B 393 6.47 1.60 -53.69
N GLY B 394 7.53 1.43 -52.91
CA GLY B 394 8.24 2.56 -52.35
C GLY B 394 8.86 2.25 -51.01
N THR B 395 9.58 3.23 -50.50
CA THR B 395 10.18 3.16 -49.17
C THR B 395 9.24 3.85 -48.18
N TYR B 396 8.95 3.16 -47.08
CA TYR B 396 8.13 3.70 -46.01
C TYR B 396 8.97 3.78 -44.75
N ALA B 397 8.84 4.88 -44.02
CA ALA B 397 9.69 5.11 -42.85
C ALA B 397 8.91 5.66 -41.67
N ASN B 398 9.39 5.32 -40.48
CA ASN B 398 8.99 5.94 -39.22
C ASN B 398 10.29 6.16 -38.47
N GLY B 399 10.81 7.38 -38.53
CA GLY B 399 12.09 7.66 -37.91
C GLY B 399 13.19 6.91 -38.60
N ASP B 400 13.86 6.01 -37.88
CA ASP B 400 14.88 5.17 -38.49
C ASP B 400 14.33 3.84 -39.00
N LEU B 401 13.25 3.32 -38.42
CA LEU B 401 12.67 2.10 -38.95
C LEU B 401 12.19 2.31 -40.38
N GLU B 402 12.66 1.44 -41.29
CA GLU B 402 12.40 1.58 -42.72
C GLU B 402 11.87 0.27 -43.29
N LEU B 403 10.78 0.35 -44.05
CA LEU B 403 10.29 -0.76 -44.85
C LEU B 403 10.27 -0.40 -46.33
N MET B 404 10.36 -1.42 -47.16
CA MET B 404 10.21 -1.25 -48.60
C MET B 404 9.17 -2.22 -49.11
N VAL B 405 8.32 -1.71 -50.00
CA VAL B 405 7.41 -2.53 -50.78
C VAL B 405 8.03 -2.70 -52.16
N THR B 406 8.35 -3.94 -52.52
CA THR B 406 9.00 -4.28 -53.78
C THR B 406 8.13 -5.23 -54.58
N HIS B 407 8.40 -5.31 -55.87
CA HIS B 407 7.93 -6.44 -56.65
C HIS B 407 9.14 -7.22 -57.14
N ASP B 408 8.91 -8.49 -57.41
CA ASP B 408 9.91 -9.30 -58.08
C ASP B 408 9.53 -9.40 -59.56
N ALA B 409 10.25 -10.26 -60.32
CA ALA B 409 10.06 -10.33 -61.76
C ALA B 409 8.70 -10.91 -62.15
N ALA B 410 8.06 -11.69 -61.27
CA ALA B 410 6.70 -12.17 -61.54
C ALA B 410 5.63 -11.14 -61.21
N GLY B 411 6.00 -9.94 -60.73
CA GLY B 411 5.06 -8.91 -60.39
C GLY B 411 4.59 -8.89 -58.94
N ASP B 412 4.74 -10.00 -58.20
CA ASP B 412 4.29 -10.12 -56.81
C ASP B 412 4.99 -9.10 -55.90
N LEU B 413 4.28 -8.66 -54.86
CA LEU B 413 4.75 -7.63 -53.93
C LEU B 413 5.39 -8.22 -52.66
N PHE B 414 6.37 -7.50 -52.14
CA PHE B 414 7.12 -7.98 -50.99
C PHE B 414 7.32 -6.86 -49.97
N LEU B 415 7.29 -7.24 -48.70
CA LEU B 415 7.57 -6.35 -47.58
C LEU B 415 8.95 -6.74 -47.05
N THR B 416 9.96 -5.97 -47.44
CA THR B 416 11.33 -6.24 -47.02
C THR B 416 11.76 -5.17 -46.04
N ARG B 417 12.63 -5.57 -45.13
CA ARG B 417 13.05 -4.69 -44.06
C ARG B 417 14.42 -5.18 -43.61
N GLU B 418 15.39 -4.25 -43.53
CA GLU B 418 16.77 -4.62 -43.24
C GLU B 418 16.85 -5.51 -42.01
N SER B 419 17.62 -6.60 -42.14
CA SER B 419 17.89 -7.54 -41.05
C SER B 419 16.64 -8.28 -40.57
N TYR B 420 15.62 -8.39 -41.43
CA TYR B 420 14.54 -9.35 -41.26
C TYR B 420 14.38 -10.11 -42.57
N SER B 421 13.54 -11.14 -42.54
CA SER B 421 13.22 -11.84 -43.77
C SER B 421 12.41 -10.94 -44.68
N ASP B 422 12.29 -11.36 -45.93
CA ASP B 422 11.31 -10.80 -46.84
C ASP B 422 9.94 -11.37 -46.49
N TYR B 423 8.90 -10.58 -46.66
CA TYR B 423 7.53 -11.06 -46.50
C TYR B 423 6.86 -11.07 -47.87
N ARG B 424 6.10 -12.13 -48.15
CA ARG B 424 5.17 -12.06 -49.27
C ARG B 424 4.00 -11.19 -48.85
N LEU B 425 3.72 -10.16 -49.64
CA LEU B 425 2.66 -9.19 -49.32
C LEU B 425 1.42 -9.47 -50.15
N SER B 426 0.29 -9.53 -49.49
CA SER B 426 -0.98 -9.78 -50.15
C SER B 426 -1.92 -8.63 -49.83
N LEU B 427 -2.48 -8.01 -50.88
CA LEU B 427 -3.40 -6.90 -50.76
C LEU B 427 -4.84 -7.40 -50.70
N HIS B 428 -5.67 -6.64 -50.00
CA HIS B 428 -7.06 -7.03 -49.78
C HIS B 428 -7.91 -5.77 -49.77
N GLU B 429 -9.19 -5.96 -49.45
CA GLU B 429 -10.15 -4.87 -49.43
C GLU B 429 -9.86 -3.88 -48.31
N ASP B 430 -10.43 -2.69 -48.43
CA ASP B 430 -10.33 -1.63 -47.41
C ASP B 430 -8.88 -1.23 -47.13
N ASP B 431 -8.01 -1.43 -48.13
CA ASP B 431 -6.58 -1.11 -48.06
C ASP B 431 -5.86 -2.00 -47.06
N LEU B 432 -6.48 -3.11 -46.67
CA LEU B 432 -5.85 -4.09 -45.81
C LEU B 432 -4.72 -4.82 -46.55
N PHE B 433 -3.80 -5.39 -45.77
CA PHE B 433 -2.83 -6.30 -46.37
C PHE B 433 -2.44 -7.34 -45.33
N VAL B 434 -1.82 -8.41 -45.81
CA VAL B 434 -1.27 -9.47 -44.96
C VAL B 434 0.10 -9.81 -45.49
N ALA B 435 1.10 -9.81 -44.61
CA ALA B 435 2.48 -10.09 -44.98
C ALA B 435 2.88 -11.42 -44.36
N ARG B 436 3.29 -12.37 -45.21
CA ARG B 436 3.59 -13.74 -44.82
C ARG B 436 5.07 -14.02 -45.01
N SER B 437 5.67 -14.71 -44.04
CA SER B 437 7.09 -15.03 -44.04
C SER B 437 7.39 -16.43 -44.57
N GLY B 438 8.68 -16.66 -44.82
CA GLY B 438 9.17 -18.01 -45.03
C GLY B 438 9.88 -18.52 -43.79
N GLU B 439 9.17 -18.48 -42.67
CA GLU B 439 9.77 -18.88 -41.42
C GLU B 439 8.71 -19.04 -40.34
N PRO B 440 8.80 -20.11 -39.54
CA PRO B 440 7.94 -20.22 -38.35
C PRO B 440 8.02 -19.05 -37.38
N GLY B 441 9.22 -18.57 -37.04
CA GLY B 441 9.46 -17.54 -36.06
C GLY B 441 9.45 -16.10 -36.56
N ALA B 442 9.06 -15.88 -37.81
CA ALA B 442 8.76 -14.54 -38.35
C ALA B 442 7.27 -14.54 -38.67
N LEU B 443 6.46 -14.26 -37.64
CA LEU B 443 5.02 -14.44 -37.73
C LEU B 443 4.40 -13.36 -38.62
N PRO B 444 3.20 -13.61 -39.15
CA PRO B 444 2.66 -12.73 -40.18
C PRO B 444 2.33 -11.35 -39.64
N ILE B 445 1.97 -10.48 -40.57
CA ILE B 445 1.65 -9.10 -40.27
C ILE B 445 0.35 -8.76 -40.98
N THR B 446 -0.60 -8.24 -40.24
CA THR B 446 -1.81 -7.68 -40.83
C THR B 446 -1.75 -6.17 -40.70
N GLY B 447 -1.92 -5.48 -41.80
CA GLY B 447 -1.80 -4.05 -41.80
C GLY B 447 -2.86 -3.42 -42.66
N ARG B 448 -2.71 -2.12 -42.88
CA ARG B 448 -3.50 -1.42 -43.88
C ARG B 448 -2.69 -0.25 -44.39
N PHE B 449 -2.97 0.12 -45.63
CA PHE B 449 -2.45 1.33 -46.24
C PHE B 449 -3.44 2.45 -46.02
N VAL B 450 -2.95 3.67 -46.02
CA VAL B 450 -3.76 4.84 -45.71
C VAL B 450 -3.52 5.88 -46.78
N ARG B 451 -4.60 6.49 -47.28
CA ARG B 451 -4.53 7.58 -48.25
C ARG B 451 -4.95 8.89 -47.61
N GLU B 452 -4.30 9.98 -48.02
CA GLU B 452 -4.67 11.30 -47.52
C GLU B 452 -5.90 11.88 -48.20
N HIS B 453 -6.44 11.25 -49.24
CA HIS B 453 -7.65 11.73 -49.93
C HIS B 453 -8.23 10.55 -50.70
N PRO B 454 -9.56 10.39 -50.75
CA PRO B 454 -10.13 9.16 -51.33
C PRO B 454 -9.75 8.91 -52.80
N ALA B 455 -9.28 9.93 -53.51
CA ALA B 455 -8.84 9.75 -54.89
C ALA B 455 -7.34 9.77 -55.02
N GLY B 456 -6.60 9.92 -53.93
CA GLY B 456 -5.17 10.06 -54.00
C GLY B 456 -4.43 8.74 -53.90
N PRO B 457 -3.11 8.80 -54.01
CA PRO B 457 -2.29 7.59 -53.88
C PRO B 457 -1.96 7.30 -52.43
N VAL B 458 -1.44 6.09 -52.20
CA VAL B 458 -1.10 5.61 -50.86
C VAL B 458 -0.04 6.52 -50.22
N ALA B 459 -0.31 6.94 -48.98
CA ALA B 459 0.62 7.79 -48.25
C ALA B 459 1.29 7.11 -47.07
N LEU B 460 0.62 6.19 -46.39
CA LEU B 460 1.18 5.59 -45.19
C LEU B 460 0.88 4.11 -45.16
N LEU B 461 1.81 3.39 -44.55
CA LEU B 461 1.67 1.98 -44.17
C LEU B 461 1.37 1.94 -42.67
N GLN B 462 0.35 1.18 -42.28
CA GLN B 462 0.01 1.07 -40.87
C GLN B 462 0.02 -0.39 -40.41
N TYR B 463 0.66 -0.65 -39.27
CA TYR B 463 0.55 -1.95 -38.59
C TYR B 463 1.23 -1.86 -37.24
N GLY B 464 0.80 -2.75 -36.34
CA GLY B 464 1.26 -2.68 -34.97
C GLY B 464 0.98 -1.37 -34.28
N GLY B 465 0.00 -0.62 -34.76
CA GLY B 465 -0.28 0.69 -34.22
C GLY B 465 0.63 1.80 -34.69
N ARG B 466 1.61 1.53 -35.56
CA ARG B 466 2.56 2.52 -36.01
C ARG B 466 2.37 2.84 -37.49
N ALA B 467 2.56 4.10 -37.86
CA ALA B 467 2.50 4.49 -39.25
C ALA B 467 3.91 4.71 -39.79
N MET B 468 4.08 4.38 -41.07
CA MET B 468 5.32 4.67 -41.79
C MET B 468 4.98 5.48 -43.03
N HIS B 469 5.59 6.65 -43.16
CA HIS B 469 5.32 7.56 -44.26
C HIS B 469 6.03 7.08 -45.54
N ARG B 470 5.25 6.86 -46.59
CA ARG B 470 5.85 6.58 -47.90
C ARG B 470 6.78 7.73 -48.34
N LEU B 471 8.07 7.42 -48.46
CA LEU B 471 9.03 8.40 -48.95
C LEU B 471 8.79 8.57 -50.45
N DLE C . 1.20 2.90 27.27
CA DLE C . 0.31 2.86 26.09
CB DLE C . -0.66 1.64 26.16
CG DLE C . -2.09 1.65 26.70
CD1 DLE C . -2.75 0.25 26.49
CD2 DLE C . -2.13 2.09 28.18
C DLE C . 1.11 2.85 24.76
O DLE C . 0.96 3.80 23.95
S SO4 D . -18.90 -10.11 8.41
O1 SO4 D . -19.04 -8.88 9.17
O2 SO4 D . -17.93 -10.99 9.05
O3 SO4 D . -18.48 -9.81 7.03
O4 SO4 D . -20.19 -10.79 8.36
S SO4 E . 23.67 2.17 24.83
O1 SO4 E . 24.85 2.87 25.34
O2 SO4 E . 22.74 1.94 25.93
O3 SO4 E . 23.06 3.01 23.78
O4 SO4 E . 24.07 0.88 24.29
S SO4 F . -17.05 11.92 42.02
O1 SO4 F . -16.07 12.78 42.70
O2 SO4 F . -18.12 11.56 42.96
O3 SO4 F . -17.62 12.61 40.87
O4 SO4 F . -16.39 10.72 41.53
Y YT3 G . 14.79 -25.10 26.10
Y YT3 H . 19.57 7.54 33.91
N E7L I . 3.51 -3.02 -25.35
CA E7L I . 2.48 -1.99 -25.62
C E7L I . 3.10 -0.65 -26.07
O E7L I . 2.62 0.41 -25.65
CB E7L I . 1.43 -2.41 -26.68
CG E7L I . 0.08 -1.80 -26.29
CD1 E7L I . -0.06 -0.43 -26.93
CD2 E7L I . -1.07 -2.71 -26.75
CAB E7L I . 6.66 -0.81 -24.34
CAC E7L I . 6.87 -2.06 -25.22
CAE E7L I . 6.86 0.42 -26.47
CAF E7L I . 5.45 0.74 -26.94
NAA E7L I . 6.70 0.34 -25.00
OAD E7L I . 6.51 -0.87 -23.11
SAG E7L I . 4.42 -0.74 -27.29
S SO4 J . -19.22 -6.64 -11.75
O1 SO4 J . -19.02 -6.50 -10.30
O2 SO4 J . -18.32 -5.76 -12.49
O3 SO4 J . -20.60 -6.28 -12.07
O4 SO4 J . -18.94 -8.02 -12.17
S SO4 K . 3.52 -18.42 -43.42
O1 SO4 K . 4.40 -17.48 -42.72
O2 SO4 K . 2.22 -18.48 -42.76
O3 SO4 K . 3.38 -18.00 -44.82
O4 SO4 K . 4.13 -19.74 -43.39
Y YT3 L . 23.16 11.74 -30.20
#